data_7VGF
#
_entry.id   7VGF
#
_cell.length_a   1.00
_cell.length_b   1.00
_cell.length_c   1.00
_cell.angle_alpha   90.00
_cell.angle_beta   90.00
_cell.angle_gamma   90.00
#
_symmetry.space_group_name_H-M   'P 1'
#
loop_
_entity.id
_entity.type
_entity.pdbx_description
1 polymer 'Iron-sulfur clusters transporter ABCB7, mitochondrial'
2 non-polymer 'PHOSPHOAMINOPHOSPHONIC ACID-ADENYLATE ESTER'
3 non-polymer 'MAGNESIUM ION'
#
_entity_poly.entity_id   1
_entity_poly.type   'polypeptide(L)'
_entity_poly.pdbx_seq_one_letter_code
;MGNSGQFLDAAKALQVWPLIEKRTCWHGHAGGGLHTDPKEGLKDVDTRKIIKAMLSYVWPKDRPDLRARVAISLGFLGGA
KAMNIVVPFMFKYAVDSLNQMSGNMLNLSDAPNTVATMATAVLIGYGVSRAGAAFFNEVRNAVFGKVAQNSIRRIAKNVF
LHLHNLDLGFHLSRQTGALSKAIDRGTRGISFVLSALVFNLLPIMFEVMLVSGVLYYKCGAQFALVTLGTLGTYTAFTVA
VTRWRTRFRIEMNKADNDAGNAAIDSLLNYETVKYFNNERYEAQRYDGFLKTYETASLKSTSTLAMLNFGQSAIFSVGLT
AIMVLASQGIVAGTLTVGDLVMVNGLLFQLSLPLNFLGTVYRETRQALIDMNTLFTLLKVDTQIKDKVMASPLQITPQTA
TVAFDNVHFEYIEGQKVLSGISFEVPAGKKVAIVGGSGSGKSTIVRLLFRFYEPQKGSIYLAGQNIQDVSLESLRRAVGV
VPQDAVLFHNTIYYNLLYGNISASPEEVYAVAKLAGLHDAILRMPHGYDTQVGERGLKLSGGEKQRVAIARAILKDPPVI
LYDEATSSLDSITEETILGAMKDVVKHRTSIFIAHRLSTVVDADEIIVLDQGKVAERGTHHGLLANPHSIYSEMWHTQSS
RVQNHDNPKWEAKKENISKEEERKKLQEEIVNSVKGCGNCSDYKDDDDKDYKDDDDK
;
_entity_poly.pdbx_strand_id   A,B
#
loop_
_chem_comp.id
_chem_comp.type
_chem_comp.name
_chem_comp.formula
ANP non-polymer 'PHOSPHOAMINOPHOSPHONIC ACID-ADENYLATE ESTER' 'C10 H17 N6 O12 P3'
MG non-polymer 'MAGNESIUM ION' 'Mg 2'
#
# COMPACT_ATOMS: atom_id res chain seq x y z
N ASP A 62 4.43 7.48 -36.82
CA ASP A 62 5.03 7.60 -38.14
C ASP A 62 6.18 6.61 -38.32
N ARG A 63 6.31 5.70 -37.37
CA ARG A 63 7.35 4.68 -37.42
C ARG A 63 6.78 3.41 -38.02
N PRO A 64 7.27 2.96 -39.18
CA PRO A 64 6.71 1.74 -39.79
C PRO A 64 6.89 0.49 -38.95
N ASP A 65 7.87 0.46 -38.04
CA ASP A 65 8.12 -0.73 -37.24
C ASP A 65 6.91 -1.04 -36.34
N LEU A 66 6.36 -0.02 -35.68
CA LEU A 66 5.21 -0.23 -34.81
C LEU A 66 3.99 -0.69 -35.60
N ARG A 67 3.77 -0.10 -36.78
CA ARG A 67 2.66 -0.52 -37.63
C ARG A 67 2.83 -1.98 -38.06
N ALA A 68 4.05 -2.36 -38.42
CA ALA A 68 4.30 -3.75 -38.81
C ALA A 68 4.04 -4.70 -37.64
N ARG A 69 4.48 -4.33 -36.45
CA ARG A 69 4.25 -5.20 -35.29
C ARG A 69 2.76 -5.33 -34.99
N VAL A 70 2.01 -4.22 -35.08
CA VAL A 70 0.57 -4.27 -34.85
C VAL A 70 -0.11 -5.16 -35.88
N ALA A 71 0.27 -5.01 -37.15
CA ALA A 71 -0.32 -5.84 -38.21
C ALA A 71 0.00 -7.32 -37.99
N ILE A 72 1.23 -7.62 -37.57
CA ILE A 72 1.60 -9.00 -37.30
C ILE A 72 0.77 -9.56 -36.14
N SER A 73 0.59 -8.77 -35.09
CA SER A 73 -0.21 -9.23 -33.96
C SER A 73 -1.65 -9.52 -34.37
N LEU A 74 -2.26 -8.62 -35.14
CA LEU A 74 -3.64 -8.84 -35.57
C LEU A 74 -3.75 -10.05 -36.50
N GLY A 75 -2.78 -10.22 -37.40
CA GLY A 75 -2.79 -11.38 -38.26
C GLY A 75 -2.65 -12.68 -37.49
N PHE A 76 -1.81 -12.69 -36.46
CA PHE A 76 -1.67 -13.88 -35.63
C PHE A 76 -2.96 -14.15 -34.85
N LEU A 77 -3.63 -13.10 -34.38
CA LEU A 77 -4.92 -13.27 -33.73
C LEU A 77 -5.93 -13.92 -34.68
N GLY A 78 -5.99 -13.42 -35.92
CA GLY A 78 -6.92 -13.98 -36.89
C GLY A 78 -6.61 -15.43 -37.21
N GLY A 79 -5.33 -15.75 -37.42
CA GLY A 79 -4.96 -17.14 -37.69
C GLY A 79 -5.25 -18.05 -36.51
N ALA A 80 -5.05 -17.56 -35.30
CA ALA A 80 -5.36 -18.34 -34.11
C ALA A 80 -6.85 -18.65 -34.03
N LYS A 81 -7.69 -17.65 -34.26
CA LYS A 81 -9.13 -17.89 -34.25
C LYS A 81 -9.54 -18.86 -35.35
N ALA A 82 -8.92 -18.73 -36.53
CA ALA A 82 -9.21 -19.67 -37.61
C ALA A 82 -8.86 -21.10 -37.22
N MET A 83 -7.69 -21.30 -36.61
CA MET A 83 -7.30 -22.65 -36.20
C MET A 83 -8.23 -23.19 -35.12
N ASN A 84 -8.64 -22.33 -34.18
CA ASN A 84 -9.59 -22.75 -33.16
C ASN A 84 -10.90 -23.19 -33.78
N ILE A 85 -11.33 -22.51 -34.84
CA ILE A 85 -12.53 -22.93 -35.55
C ILE A 85 -12.29 -24.26 -36.28
N VAL A 86 -11.10 -24.43 -36.84
CA VAL A 86 -10.81 -25.64 -37.63
C VAL A 86 -10.81 -26.89 -36.75
N VAL A 87 -10.38 -26.76 -35.50
CA VAL A 87 -10.20 -27.94 -34.65
C VAL A 87 -11.46 -28.81 -34.56
N PRO A 88 -12.65 -28.28 -34.25
CA PRO A 88 -13.85 -29.14 -34.27
C PRO A 88 -14.15 -29.75 -35.62
N PHE A 89 -13.86 -29.05 -36.72
CA PHE A 89 -13.99 -29.66 -38.04
C PHE A 89 -13.11 -30.89 -38.15
N MET A 90 -11.87 -30.79 -37.66
CA MET A 90 -10.95 -31.92 -37.68
C MET A 90 -11.50 -33.08 -36.88
N PHE A 91 -12.01 -32.80 -35.68
CA PHE A 91 -12.55 -33.87 -34.85
C PHE A 91 -13.73 -34.55 -35.52
N LYS A 92 -14.62 -33.76 -36.13
CA LYS A 92 -15.78 -34.33 -36.80
C LYS A 92 -15.37 -35.20 -37.98
N TYR A 93 -14.36 -34.76 -38.75
CA TYR A 93 -13.87 -35.58 -39.84
C TYR A 93 -13.29 -36.89 -39.35
N ALA A 94 -12.56 -36.85 -38.23
CA ALA A 94 -12.04 -38.10 -37.66
C ALA A 94 -13.17 -39.03 -37.23
N VAL A 95 -14.21 -38.47 -36.60
CA VAL A 95 -15.32 -39.29 -36.14
C VAL A 95 -16.03 -39.94 -37.32
N ASP A 96 -16.27 -39.17 -38.39
CA ASP A 96 -16.92 -39.72 -39.58
C ASP A 96 -16.06 -40.81 -40.21
N SER A 97 -14.74 -40.58 -40.29
CA SER A 97 -13.86 -41.57 -40.89
C SER A 97 -13.89 -42.88 -40.12
N LEU A 98 -13.87 -42.80 -38.78
CA LEU A 98 -13.92 -44.03 -37.98
C LEU A 98 -15.30 -44.68 -38.05
N ASN A 99 -16.36 -43.88 -38.20
CA ASN A 99 -17.70 -44.45 -38.34
C ASN A 99 -17.82 -45.21 -39.65
N GLN A 100 -17.19 -44.71 -40.72
CA GLN A 100 -17.30 -45.36 -42.02
C GLN A 100 -16.73 -46.78 -41.99
N MET A 101 -15.59 -46.96 -41.34
CA MET A 101 -14.95 -48.27 -41.26
C MET A 101 -15.73 -49.20 -40.32
N VAL A 115 -7.39 -48.81 -43.73
CA VAL A 115 -8.56 -47.94 -43.67
C VAL A 115 -8.43 -46.99 -42.48
N ALA A 116 -7.58 -47.36 -41.52
CA ALA A 116 -7.35 -46.52 -40.35
C ALA A 116 -6.30 -45.45 -40.57
N THR A 117 -5.60 -45.48 -41.70
CA THR A 117 -4.58 -44.47 -41.96
C THR A 117 -5.19 -43.08 -42.04
N MET A 118 -6.35 -42.95 -42.69
CA MET A 118 -7.01 -41.65 -42.79
C MET A 118 -7.42 -41.14 -41.42
N ALA A 119 -7.98 -42.02 -40.58
CA ALA A 119 -8.37 -41.61 -39.24
C ALA A 119 -7.17 -41.17 -38.41
N THR A 120 -6.07 -41.92 -38.51
CA THR A 120 -4.86 -41.53 -37.79
C THR A 120 -4.34 -40.18 -38.26
N ALA A 121 -4.38 -39.95 -39.58
CA ALA A 121 -3.93 -38.67 -40.11
C ALA A 121 -4.80 -37.53 -39.61
N VAL A 122 -6.12 -37.75 -39.55
CA VAL A 122 -7.01 -36.69 -39.08
C VAL A 122 -6.80 -36.42 -37.60
N LEU A 123 -6.54 -37.46 -36.81
CA LEU A 123 -6.23 -37.25 -35.39
C LEU A 123 -4.95 -36.44 -35.22
N ILE A 124 -3.92 -36.77 -36.00
CA ILE A 124 -2.67 -36.01 -35.95
C ILE A 124 -2.94 -34.56 -36.35
N GLY A 125 -3.78 -34.36 -37.36
CA GLY A 125 -4.14 -33.00 -37.75
C GLY A 125 -4.85 -32.24 -36.64
N TYR A 126 -5.76 -32.91 -35.93
CA TYR A 126 -6.41 -32.31 -34.78
C TYR A 126 -5.38 -31.82 -33.76
N GLY A 127 -4.45 -32.70 -33.38
CA GLY A 127 -3.46 -32.34 -32.39
C GLY A 127 -2.59 -31.17 -32.83
N VAL A 128 -2.06 -31.25 -34.05
CA VAL A 128 -1.18 -30.19 -34.52
C VAL A 128 -1.95 -28.88 -34.69
N SER A 129 -3.24 -28.95 -35.07
CA SER A 129 -4.03 -27.74 -35.22
C SER A 129 -4.23 -27.04 -33.89
N ARG A 130 -4.59 -27.79 -32.84
CA ARG A 130 -4.78 -27.12 -31.56
C ARG A 130 -3.45 -26.59 -31.00
N ALA A 131 -2.36 -27.33 -31.22
CA ALA A 131 -1.05 -26.82 -30.82
C ALA A 131 -0.71 -25.52 -31.54
N GLY A 132 -0.98 -25.46 -32.85
CA GLY A 132 -0.71 -24.25 -33.59
C GLY A 132 -1.58 -23.10 -33.16
N ALA A 133 -2.83 -23.39 -32.78
CA ALA A 133 -3.70 -22.33 -32.26
C ALA A 133 -3.14 -21.73 -30.98
N ALA A 134 -2.67 -22.58 -30.06
CA ALA A 134 -2.04 -22.07 -28.85
C ALA A 134 -0.80 -21.25 -29.17
N PHE A 135 0.02 -21.75 -30.11
CA PHE A 135 1.23 -21.03 -30.50
C PHE A 135 0.90 -19.65 -31.06
N PHE A 136 -0.15 -19.57 -31.89
CA PHE A 136 -0.54 -18.29 -32.47
C PHE A 136 -1.02 -17.32 -31.39
N ASN A 137 -1.88 -17.80 -30.48
CA ASN A 137 -2.29 -16.96 -29.35
C ASN A 137 -1.08 -16.37 -28.65
N GLU A 138 -0.09 -17.20 -28.37
CA GLU A 138 0.98 -16.77 -27.48
C GLU A 138 1.98 -15.89 -28.19
N VAL A 139 2.23 -16.14 -29.48
CA VAL A 139 3.10 -15.24 -30.22
C VAL A 139 2.46 -13.87 -30.38
N ARG A 140 1.13 -13.83 -30.58
CA ARG A 140 0.43 -12.56 -30.58
C ARG A 140 0.59 -11.85 -29.24
N ASN A 141 0.43 -12.60 -28.15
CA ASN A 141 0.58 -12.03 -26.81
C ASN A 141 1.95 -11.40 -26.64
N ALA A 142 3.00 -12.14 -27.01
CA ALA A 142 4.36 -11.65 -26.81
C ALA A 142 4.63 -10.40 -27.64
N VAL A 143 4.23 -10.42 -28.91
CA VAL A 143 4.50 -9.28 -29.79
C VAL A 143 3.78 -8.03 -29.27
N PHE A 144 2.50 -8.18 -28.91
CA PHE A 144 1.80 -7.00 -28.43
C PHE A 144 2.33 -6.54 -27.08
N GLY A 145 2.74 -7.45 -26.21
CA GLY A 145 3.37 -7.04 -24.97
C GLY A 145 4.59 -6.19 -25.21
N LYS A 146 5.45 -6.62 -26.14
CA LYS A 146 6.64 -5.83 -26.47
C LYS A 146 6.27 -4.44 -26.96
N VAL A 147 5.37 -4.36 -27.95
CA VAL A 147 5.07 -3.05 -28.55
C VAL A 147 4.39 -2.14 -27.53
N ALA A 148 3.47 -2.68 -26.74
CA ALA A 148 2.77 -1.87 -25.74
C ALA A 148 3.73 -1.37 -24.68
N GLN A 149 4.68 -2.21 -24.25
CA GLN A 149 5.58 -1.81 -23.19
C GLN A 149 6.54 -0.72 -23.70
N ASN A 150 6.95 -0.83 -24.97
CA ASN A 150 7.73 0.24 -25.58
C ASN A 150 6.94 1.55 -25.60
N SER A 151 5.66 1.47 -25.96
CA SER A 151 4.81 2.67 -25.95
C SER A 151 4.75 3.27 -24.56
N ILE A 152 4.61 2.41 -23.54
CA ILE A 152 4.55 2.89 -22.16
C ILE A 152 5.83 3.63 -21.81
N ARG A 153 6.95 3.13 -22.31
CA ARG A 153 8.24 3.77 -22.07
C ARG A 153 8.30 5.16 -22.73
N ARG A 154 7.63 5.31 -23.88
CA ARG A 154 7.63 6.60 -24.57
C ARG A 154 6.74 7.63 -23.86
N ILE A 155 5.52 7.23 -23.50
CA ILE A 155 4.65 8.18 -22.79
C ILE A 155 5.23 8.54 -21.42
N ALA A 156 5.78 7.56 -20.69
CA ALA A 156 6.34 7.89 -19.38
C ALA A 156 7.49 8.88 -19.49
N LYS A 157 8.40 8.64 -20.45
CA LYS A 157 9.54 9.53 -20.63
C LYS A 157 9.09 10.92 -21.05
N ASN A 158 8.08 11.03 -21.91
CA ASN A 158 7.58 12.34 -22.28
C ASN A 158 6.90 13.05 -21.12
N VAL A 159 6.09 12.33 -20.34
CA VAL A 159 5.33 12.97 -19.27
C VAL A 159 6.26 13.42 -18.14
N PHE A 160 7.37 12.71 -17.93
CA PHE A 160 8.33 13.14 -16.92
C PHE A 160 8.92 14.50 -17.27
N LEU A 161 9.38 14.66 -18.51
CA LEU A 161 9.92 15.94 -18.96
C LEU A 161 8.85 17.02 -18.94
N HIS A 162 7.62 16.69 -19.35
CA HIS A 162 6.56 17.68 -19.33
C HIS A 162 6.25 18.13 -17.91
N LEU A 163 6.25 17.20 -16.96
CA LEU A 163 5.98 17.54 -15.57
C LEU A 163 7.07 18.44 -15.01
N HIS A 164 8.33 18.18 -15.35
CA HIS A 164 9.38 19.09 -14.89
C HIS A 164 9.48 20.33 -15.77
N ASN A 165 8.35 20.99 -16.02
CA ASN A 165 8.37 22.30 -16.68
C ASN A 165 7.38 23.28 -16.08
N LEU A 166 6.62 22.90 -15.06
CA LEU A 166 5.57 23.74 -14.53
C LEU A 166 6.13 24.77 -13.55
N ASP A 167 5.25 25.64 -13.06
CA ASP A 167 5.65 26.70 -12.16
C ASP A 167 6.02 26.15 -10.79
N LEU A 168 6.79 26.95 -10.04
CA LEU A 168 7.20 26.56 -8.70
C LEU A 168 6.02 26.40 -7.77
N GLY A 169 4.96 27.19 -7.98
CA GLY A 169 3.82 27.14 -7.08
C GLY A 169 3.12 25.79 -7.09
N PHE A 170 3.03 25.16 -8.26
CA PHE A 170 2.37 23.86 -8.36
C PHE A 170 3.13 22.81 -7.56
N HIS A 171 4.45 22.83 -7.62
CA HIS A 171 5.24 21.84 -6.88
C HIS A 171 5.29 22.15 -5.40
N LEU A 172 5.20 23.44 -5.03
CA LEU A 172 5.07 23.78 -3.62
C LEU A 172 3.73 23.30 -3.06
N SER A 173 2.66 23.43 -3.85
CA SER A 173 1.36 22.92 -3.42
C SER A 173 1.37 21.41 -3.28
N ARG A 174 2.03 20.71 -4.21
CA ARG A 174 2.13 19.25 -4.17
C ARG A 174 3.20 18.86 -3.15
N GLN A 175 2.87 19.06 -1.88
CA GLN A 175 3.79 18.80 -0.78
C GLN A 175 3.79 17.31 -0.40
N THR A 176 4.10 16.49 -1.40
CA THR A 176 4.19 15.04 -1.23
C THR A 176 4.96 14.47 -2.40
N GLY A 177 5.41 13.23 -2.24
CA GLY A 177 6.09 12.53 -3.32
C GLY A 177 5.13 11.68 -4.12
N ALA A 178 3.83 11.96 -3.98
CA ALA A 178 2.82 11.14 -4.62
C ALA A 178 2.77 11.31 -6.14
N LEU A 179 3.50 12.29 -6.68
CA LEU A 179 3.49 12.50 -8.12
C LEU A 179 4.08 11.30 -8.86
N SER A 180 5.17 10.74 -8.34
CA SER A 180 5.77 9.57 -8.98
C SER A 180 4.82 8.38 -8.93
N LYS A 181 4.17 8.17 -7.79
CA LYS A 181 3.19 7.09 -7.70
C LYS A 181 2.06 7.31 -8.68
N ALA A 182 1.58 8.54 -8.81
CA ALA A 182 0.50 8.84 -9.74
C ALA A 182 0.91 8.54 -11.17
N ILE A 183 2.12 8.97 -11.57
CA ILE A 183 2.51 8.80 -12.97
C ILE A 183 2.77 7.32 -13.27
N ASP A 184 3.42 6.60 -12.36
CA ASP A 184 3.65 5.18 -12.62
C ASP A 184 2.35 4.40 -12.63
N ARG A 185 1.43 4.72 -11.71
CA ARG A 185 0.13 4.06 -11.70
C ARG A 185 -0.63 4.33 -12.98
N GLY A 186 -0.58 5.57 -13.47
CA GLY A 186 -1.24 5.87 -14.73
C GLY A 186 -0.65 5.12 -15.90
N THR A 187 0.68 5.01 -15.95
CA THR A 187 1.31 4.26 -17.03
C THR A 187 0.91 2.79 -16.98
N ARG A 188 0.94 2.18 -15.79
CA ARG A 188 0.54 0.79 -15.66
C ARG A 188 -0.93 0.61 -16.01
N GLY A 189 -1.77 1.58 -15.63
CA GLY A 189 -3.19 1.48 -15.95
C GLY A 189 -3.45 1.57 -17.44
N ILE A 190 -2.75 2.48 -18.13
CA ILE A 190 -2.89 2.58 -19.58
C ILE A 190 -2.45 1.28 -20.24
N SER A 191 -1.31 0.74 -19.80
CA SER A 191 -0.82 -0.52 -20.36
C SER A 191 -1.83 -1.64 -20.13
N PHE A 192 -2.38 -1.72 -18.91
CA PHE A 192 -3.34 -2.76 -18.59
C PHE A 192 -4.61 -2.62 -19.40
N VAL A 193 -5.11 -1.41 -19.56
CA VAL A 193 -6.34 -1.20 -20.33
C VAL A 193 -6.11 -1.60 -21.78
N LEU A 194 -5.00 -1.16 -22.37
CA LEU A 194 -4.71 -1.50 -23.76
C LEU A 194 -4.59 -3.01 -23.94
N SER A 195 -3.83 -3.66 -23.05
CA SER A 195 -3.61 -5.09 -23.17
C SER A 195 -4.91 -5.86 -23.01
N ALA A 196 -5.71 -5.50 -22.00
CA ALA A 196 -6.97 -6.18 -21.77
C ALA A 196 -7.91 -6.03 -22.96
N LEU A 197 -8.00 -4.80 -23.49
CA LEU A 197 -8.86 -4.57 -24.64
C LEU A 197 -8.42 -5.44 -25.81
N VAL A 198 -7.15 -5.35 -26.20
CA VAL A 198 -6.70 -6.01 -27.41
C VAL A 198 -6.67 -7.54 -27.25
N PHE A 199 -6.47 -8.05 -26.04
CA PHE A 199 -6.44 -9.48 -25.82
C PHE A 199 -7.80 -10.10 -25.48
N ASN A 200 -8.82 -9.31 -25.17
CA ASN A 200 -10.12 -9.89 -24.87
C ASN A 200 -11.23 -9.41 -25.79
N LEU A 201 -11.40 -8.10 -25.97
CA LEU A 201 -12.59 -7.61 -26.65
C LEU A 201 -12.60 -8.02 -28.13
N LEU A 202 -11.57 -7.60 -28.87
CA LEU A 202 -11.52 -7.94 -30.29
C LEU A 202 -11.49 -9.45 -30.55
N PRO A 203 -10.63 -10.24 -29.90
CA PRO A 203 -10.62 -11.68 -30.20
C PRO A 203 -11.93 -12.37 -29.90
N ILE A 204 -12.62 -12.00 -28.81
CA ILE A 204 -13.88 -12.66 -28.46
C ILE A 204 -14.96 -12.31 -29.46
N MET A 205 -15.04 -11.03 -29.88
CA MET A 205 -16.00 -10.66 -30.91
C MET A 205 -15.71 -11.37 -32.22
N PHE A 206 -14.43 -11.49 -32.58
CA PHE A 206 -14.07 -12.23 -33.78
C PHE A 206 -14.49 -13.69 -33.67
N GLU A 207 -14.27 -14.29 -32.51
CA GLU A 207 -14.69 -15.67 -32.29
C GLU A 207 -16.20 -15.83 -32.46
N VAL A 208 -16.96 -14.91 -31.88
CA VAL A 208 -18.42 -14.98 -31.97
C VAL A 208 -18.85 -14.84 -33.43
N MET A 209 -18.26 -13.90 -34.16
CA MET A 209 -18.63 -13.72 -35.56
C MET A 209 -18.31 -14.96 -36.39
N LEU A 210 -17.12 -15.54 -36.19
CA LEU A 210 -16.75 -16.73 -36.95
C LEU A 210 -17.66 -17.91 -36.61
N VAL A 211 -17.97 -18.08 -35.31
CA VAL A 211 -18.87 -19.16 -34.90
C VAL A 211 -20.24 -18.99 -35.55
N SER A 212 -20.79 -17.78 -35.49
CA SER A 212 -22.12 -17.56 -36.06
C SER A 212 -22.11 -17.82 -37.56
N GLY A 213 -21.09 -17.32 -38.27
CA GLY A 213 -21.04 -17.53 -39.70
C GLY A 213 -20.90 -18.98 -40.08
N VAL A 214 -19.99 -19.70 -39.42
CA VAL A 214 -19.76 -21.10 -39.79
C VAL A 214 -20.98 -21.94 -39.42
N LEU A 215 -21.65 -21.63 -38.31
CA LEU A 215 -22.82 -22.41 -37.93
C LEU A 215 -24.01 -22.11 -38.83
N TYR A 216 -24.13 -20.88 -39.32
CA TYR A 216 -25.21 -20.58 -40.25
C TYR A 216 -24.98 -21.22 -41.59
N TYR A 217 -23.74 -21.17 -42.10
CA TYR A 217 -23.47 -21.70 -43.43
C TYR A 217 -23.43 -23.23 -43.44
N LYS A 218 -22.79 -23.84 -42.45
CA LYS A 218 -22.60 -25.29 -42.48
C LYS A 218 -23.89 -26.03 -42.14
N CYS A 219 -24.62 -25.56 -41.12
CA CYS A 219 -25.77 -26.30 -40.60
C CYS A 219 -27.10 -25.61 -40.89
N GLY A 220 -27.26 -24.37 -40.46
CA GLY A 220 -28.50 -23.66 -40.68
C GLY A 220 -28.60 -22.43 -39.80
N ALA A 221 -29.69 -21.70 -40.00
CA ALA A 221 -29.89 -20.45 -39.28
C ALA A 221 -30.26 -20.69 -37.82
N GLN A 222 -30.90 -21.83 -37.52
CA GLN A 222 -31.35 -22.09 -36.16
C GLN A 222 -30.17 -22.20 -35.20
N PHE A 223 -29.09 -22.86 -35.63
CA PHE A 223 -27.93 -23.02 -34.77
C PHE A 223 -27.28 -21.68 -34.44
N ALA A 224 -27.12 -20.82 -35.45
CA ALA A 224 -26.57 -19.49 -35.20
C ALA A 224 -27.50 -18.69 -34.30
N LEU A 225 -28.81 -18.81 -34.51
CA LEU A 225 -29.76 -18.06 -33.69
C LEU A 225 -29.66 -18.49 -32.23
N VAL A 226 -29.59 -19.81 -31.98
CA VAL A 226 -29.58 -20.28 -30.60
C VAL A 226 -28.26 -19.94 -29.93
N THR A 227 -27.14 -20.02 -30.65
CA THR A 227 -25.88 -19.65 -29.99
C THR A 227 -25.82 -18.15 -29.70
N LEU A 228 -26.33 -17.32 -30.63
CA LEU A 228 -26.40 -15.88 -30.35
C LEU A 228 -27.29 -15.59 -29.16
N GLY A 229 -28.43 -16.28 -29.07
CA GLY A 229 -29.29 -16.11 -27.91
C GLY A 229 -28.61 -16.51 -26.62
N THR A 230 -27.87 -17.62 -26.65
CA THR A 230 -27.17 -18.06 -25.45
C THR A 230 -26.16 -17.03 -24.98
N LEU A 231 -25.37 -16.49 -25.91
CA LEU A 231 -24.43 -15.43 -25.55
C LEU A 231 -25.16 -14.19 -25.03
N GLY A 232 -26.29 -13.85 -25.63
CA GLY A 232 -27.03 -12.68 -25.19
C GLY A 232 -27.55 -12.82 -23.77
N THR A 233 -28.15 -13.96 -23.45
CA THR A 233 -28.62 -14.17 -22.08
C THR A 233 -27.45 -14.24 -21.10
N TYR A 234 -26.33 -14.84 -21.50
CA TYR A 234 -25.17 -14.87 -20.61
C TYR A 234 -24.70 -13.47 -20.27
N THR A 235 -24.51 -12.63 -21.29
CA THR A 235 -24.02 -11.28 -21.02
C THR A 235 -25.03 -10.44 -20.26
N ALA A 236 -26.33 -10.62 -20.55
CA ALA A 236 -27.35 -9.89 -19.79
C ALA A 236 -27.33 -10.29 -18.32
N PHE A 237 -27.22 -11.58 -18.04
CA PHE A 237 -27.19 -12.05 -16.65
C PHE A 237 -25.95 -11.50 -15.94
N THR A 238 -24.79 -11.56 -16.61
CA THR A 238 -23.57 -11.07 -15.98
C THR A 238 -23.66 -9.58 -15.67
N VAL A 239 -24.17 -8.79 -16.63
CA VAL A 239 -24.31 -7.35 -16.40
C VAL A 239 -25.28 -7.09 -15.25
N ALA A 240 -26.38 -7.84 -15.20
CA ALA A 240 -27.36 -7.63 -14.14
C ALA A 240 -26.77 -7.94 -12.76
N VAL A 241 -25.96 -9.00 -12.66
CA VAL A 241 -25.45 -9.40 -11.35
C VAL A 241 -24.23 -8.58 -10.93
N THR A 242 -23.52 -7.95 -11.88
CA THR A 242 -22.29 -7.25 -11.53
C THR A 242 -22.53 -6.14 -10.51
N ARG A 243 -23.55 -5.31 -10.73
CA ARG A 243 -23.80 -4.20 -9.82
C ARG A 243 -24.33 -4.68 -8.47
N TRP A 244 -25.23 -5.66 -8.49
CA TRP A 244 -25.78 -6.21 -7.26
C TRP A 244 -24.70 -6.90 -6.45
N ARG A 245 -23.58 -7.29 -7.07
CA ARG A 245 -22.44 -7.78 -6.31
C ARG A 245 -21.49 -6.67 -5.87
N THR A 246 -21.30 -5.63 -6.69
CA THR A 246 -20.35 -4.59 -6.32
C THR A 246 -20.87 -3.76 -5.15
N ARG A 247 -22.19 -3.66 -4.98
CA ARG A 247 -22.69 -2.98 -3.80
C ARG A 247 -22.27 -3.73 -2.52
N PHE A 248 -22.38 -5.06 -2.54
CA PHE A 248 -21.93 -5.85 -1.40
C PHE A 248 -20.43 -5.76 -1.21
N ARG A 249 -19.68 -5.69 -2.32
CA ARG A 249 -18.24 -5.51 -2.21
C ARG A 249 -17.89 -4.20 -1.51
N ILE A 250 -18.59 -3.12 -1.88
CA ILE A 250 -18.36 -1.82 -1.24
C ILE A 250 -18.69 -1.90 0.25
N GLU A 251 -19.80 -2.55 0.59
CA GLU A 251 -20.16 -2.67 2.00
C GLU A 251 -19.10 -3.44 2.78
N MET A 252 -18.57 -4.53 2.21
CA MET A 252 -17.55 -5.29 2.91
C MET A 252 -16.28 -4.46 3.08
N ASN A 253 -15.92 -3.71 2.04
CA ASN A 253 -14.72 -2.89 2.12
C ASN A 253 -14.85 -1.85 3.24
N LYS A 254 -16.02 -1.20 3.33
CA LYS A 254 -16.22 -0.22 4.39
C LYS A 254 -16.17 -0.88 5.75
N ALA A 255 -16.78 -2.06 5.89
CA ALA A 255 -16.76 -2.76 7.18
C ALA A 255 -15.34 -3.12 7.59
N ASP A 256 -14.54 -3.61 6.64
CA ASP A 256 -13.16 -3.95 6.94
C ASP A 256 -12.35 -2.72 7.35
N ASN A 257 -12.58 -1.60 6.66
CA ASN A 257 -11.89 -0.36 7.05
C ASN A 257 -12.29 0.07 8.45
N ASP A 258 -13.57 -0.05 8.78
CA ASP A 258 -14.03 0.31 10.13
C ASP A 258 -13.38 -0.58 11.19
N ALA A 259 -13.31 -1.89 10.92
CA ALA A 259 -12.67 -2.81 11.86
C ALA A 259 -11.19 -2.47 12.04
N GLY A 260 -10.50 -2.15 10.94
CA GLY A 260 -9.11 -1.77 11.05
C GLY A 260 -8.91 -0.50 11.86
N ASN A 261 -9.77 0.49 11.65
CA ASN A 261 -9.66 1.73 12.42
C ASN A 261 -9.92 1.48 13.90
N ALA A 262 -10.90 0.62 14.21
CA ALA A 262 -11.16 0.28 15.60
C ALA A 262 -9.96 -0.41 16.23
N ALA A 263 -9.31 -1.30 15.49
CA ALA A 263 -8.11 -1.95 15.99
C ALA A 263 -7.00 -0.94 16.23
N ILE A 264 -6.83 0.03 15.31
CA ILE A 264 -5.84 1.08 15.50
C ILE A 264 -6.11 1.85 16.77
N ASP A 265 -7.36 2.24 17.00
CA ASP A 265 -7.68 3.02 18.19
C ASP A 265 -7.43 2.21 19.46
N SER A 266 -7.83 0.94 19.46
CA SER A 266 -7.63 0.10 20.64
C SER A 266 -6.15 -0.09 20.94
N LEU A 267 -5.33 -0.30 19.91
CA LEU A 267 -3.89 -0.41 20.12
C LEU A 267 -3.30 0.89 20.62
N LEU A 268 -3.75 2.04 20.10
CA LEU A 268 -3.20 3.31 20.53
C LEU A 268 -3.55 3.65 21.96
N ASN A 269 -4.72 3.23 22.44
CA ASN A 269 -5.16 3.56 23.80
C ASN A 269 -4.79 2.47 24.79
N TYR A 270 -3.63 1.82 24.59
CA TYR A 270 -3.30 0.64 25.38
C TYR A 270 -2.97 1.03 26.83
N GLU A 271 -2.37 2.20 27.02
CA GLU A 271 -2.09 2.66 28.38
C GLU A 271 -3.38 2.83 29.18
N THR A 272 -4.38 3.48 28.58
CA THR A 272 -5.66 3.64 29.27
C THR A 272 -6.37 2.31 29.45
N VAL A 273 -6.21 1.39 28.48
CA VAL A 273 -6.80 0.07 28.63
C VAL A 273 -6.23 -0.64 29.83
N LYS A 274 -4.90 -0.59 30.01
CA LYS A 274 -4.29 -1.24 31.18
C LYS A 274 -4.62 -0.50 32.47
N TYR A 275 -4.81 0.81 32.40
CA TYR A 275 -5.06 1.59 33.62
C TYR A 275 -6.32 1.11 34.32
N PHE A 276 -7.37 0.82 33.56
CA PHE A 276 -8.59 0.26 34.10
C PHE A 276 -8.65 -1.24 33.80
N ASN A 277 -9.80 -1.84 34.11
CA ASN A 277 -10.01 -3.27 33.95
C ASN A 277 -10.51 -3.65 32.56
N ASN A 278 -10.30 -2.78 31.57
CA ASN A 278 -10.95 -2.92 30.27
C ASN A 278 -10.11 -3.66 29.24
N GLU A 279 -9.75 -4.91 29.52
CA GLU A 279 -9.06 -5.72 28.50
C GLU A 279 -10.03 -6.58 27.70
N ARG A 280 -11.15 -6.99 28.30
CA ARG A 280 -12.12 -7.82 27.60
C ARG A 280 -13.15 -6.98 26.84
N TYR A 281 -13.40 -5.76 27.30
CA TYR A 281 -14.37 -4.90 26.62
C TYR A 281 -13.92 -4.57 25.20
N GLU A 282 -12.62 -4.29 25.03
CA GLU A 282 -12.09 -4.02 23.70
C GLU A 282 -12.20 -5.26 22.81
N ALA A 283 -11.98 -6.45 23.38
CA ALA A 283 -12.15 -7.68 22.63
C ALA A 283 -13.59 -7.86 22.17
N GLN A 284 -14.55 -7.56 23.05
CA GLN A 284 -15.95 -7.67 22.66
C GLN A 284 -16.31 -6.68 21.55
N ARG A 285 -15.80 -5.45 21.65
CA ARG A 285 -16.04 -4.48 20.59
C ARG A 285 -15.45 -4.94 19.26
N TYR A 286 -14.23 -5.48 19.30
CA TYR A 286 -13.61 -6.00 18.09
C TYR A 286 -14.42 -7.16 17.52
N ASP A 287 -14.98 -8.00 18.39
CA ASP A 287 -15.84 -9.09 17.94
C ASP A 287 -17.07 -8.57 17.22
N GLY A 288 -17.70 -7.52 17.77
CA GLY A 288 -18.84 -6.92 17.10
C GLY A 288 -18.47 -6.37 15.73
N PHE A 289 -17.32 -5.71 15.63
CA PHE A 289 -16.87 -5.24 14.33
C PHE A 289 -16.61 -6.40 13.38
N LEU A 290 -16.13 -7.52 13.92
CA LEU A 290 -15.89 -8.71 13.10
C LEU A 290 -17.20 -9.27 12.54
N LYS A 291 -18.28 -9.23 13.32
CA LYS A 291 -19.61 -9.51 12.76
C LYS A 291 -20.01 -8.53 11.67
N THR A 292 -19.78 -7.24 11.90
CA THR A 292 -20.17 -6.27 10.88
C THR A 292 -19.47 -6.56 9.56
N TYR A 293 -18.22 -7.03 9.64
CA TYR A 293 -17.51 -7.46 8.42
C TYR A 293 -17.99 -8.83 7.94
N GLU A 294 -18.37 -9.70 8.89
CA GLU A 294 -18.75 -11.08 8.63
C GLU A 294 -19.95 -11.19 7.72
N THR A 295 -21.00 -10.44 8.03
CA THR A 295 -22.22 -10.54 7.24
C THR A 295 -21.96 -10.15 5.79
N ALA A 296 -21.21 -9.07 5.58
CA ALA A 296 -20.90 -8.64 4.22
C ALA A 296 -20.04 -9.67 3.49
N SER A 297 -19.05 -10.24 4.18
CA SER A 297 -18.22 -11.27 3.54
C SER A 297 -19.07 -12.46 3.10
N LEU A 298 -19.97 -12.93 3.97
CA LEU A 298 -20.82 -14.06 3.63
C LEU A 298 -21.73 -13.73 2.45
N LYS A 299 -22.30 -12.53 2.45
CA LYS A 299 -23.18 -12.14 1.36
C LYS A 299 -22.43 -12.08 0.03
N SER A 300 -21.21 -11.54 0.04
CA SER A 300 -20.43 -11.47 -1.19
C SER A 300 -20.08 -12.86 -1.71
N THR A 301 -19.68 -13.77 -0.81
CA THR A 301 -19.36 -15.13 -1.26
C THR A 301 -20.60 -15.80 -1.86
N SER A 302 -21.75 -15.65 -1.20
CA SER A 302 -22.97 -16.26 -1.71
C SER A 302 -23.36 -15.71 -3.07
N THR A 303 -23.26 -14.38 -3.25
CA THR A 303 -23.67 -13.80 -4.52
C THR A 303 -22.68 -14.16 -5.63
N LEU A 304 -21.39 -14.30 -5.31
CA LEU A 304 -20.44 -14.79 -6.31
C LEU A 304 -20.79 -16.21 -6.75
N ALA A 305 -21.13 -17.07 -5.79
CA ALA A 305 -21.54 -18.43 -6.15
C ALA A 305 -22.79 -18.43 -7.02
N MET A 306 -23.75 -17.57 -6.69
CA MET A 306 -24.98 -17.49 -7.48
C MET A 306 -24.70 -17.03 -8.91
N LEU A 307 -23.83 -16.02 -9.07
CA LEU A 307 -23.47 -15.56 -10.40
C LEU A 307 -22.80 -16.67 -11.20
N ASN A 308 -21.89 -17.41 -10.58
CA ASN A 308 -21.24 -18.51 -11.27
C ASN A 308 -22.26 -19.57 -11.69
N PHE A 309 -23.25 -19.85 -10.82
CA PHE A 309 -24.29 -20.80 -11.20
C PHE A 309 -25.08 -20.30 -12.41
N GLY A 310 -25.43 -19.02 -12.41
CA GLY A 310 -26.15 -18.48 -13.55
C GLY A 310 -25.38 -18.68 -14.84
N GLN A 311 -24.08 -18.35 -14.82
CA GLN A 311 -23.26 -18.52 -16.02
C GLN A 311 -23.23 -19.98 -16.48
N SER A 312 -22.91 -20.89 -15.55
CA SER A 312 -22.75 -22.29 -15.93
C SER A 312 -24.07 -22.90 -16.41
N ALA A 313 -25.18 -22.57 -15.75
CA ALA A 313 -26.47 -23.09 -16.17
C ALA A 313 -26.89 -22.54 -17.53
N ILE A 314 -26.60 -21.27 -17.80
CA ILE A 314 -26.90 -20.71 -19.11
C ILE A 314 -26.13 -21.45 -20.19
N PHE A 315 -24.85 -21.72 -19.93
CA PHE A 315 -24.06 -22.44 -20.92
C PHE A 315 -24.54 -23.87 -21.09
N SER A 316 -24.96 -24.51 -20.00
CA SER A 316 -25.54 -25.85 -20.08
C SER A 316 -26.80 -25.88 -20.93
N VAL A 317 -27.71 -24.91 -20.73
CA VAL A 317 -28.94 -24.88 -21.51
C VAL A 317 -28.61 -24.66 -22.98
N GLY A 318 -27.65 -23.78 -23.28
CA GLY A 318 -27.25 -23.57 -24.66
C GLY A 318 -26.72 -24.83 -25.31
N LEU A 319 -25.83 -25.55 -24.60
CA LEU A 319 -25.29 -26.78 -25.16
C LEU A 319 -26.37 -27.83 -25.36
N THR A 320 -27.28 -27.97 -24.40
CA THR A 320 -28.36 -28.94 -24.55
C THR A 320 -29.23 -28.61 -25.74
N ALA A 321 -29.58 -27.34 -25.91
CA ALA A 321 -30.43 -26.95 -27.04
C ALA A 321 -29.73 -27.20 -28.37
N ILE A 322 -28.45 -26.84 -28.47
CA ILE A 322 -27.75 -27.01 -29.75
C ILE A 322 -27.59 -28.50 -30.07
N MET A 323 -27.33 -29.33 -29.06
CA MET A 323 -27.20 -30.76 -29.31
C MET A 323 -28.54 -31.38 -29.68
N VAL A 324 -29.63 -30.93 -29.06
CA VAL A 324 -30.95 -31.44 -29.42
C VAL A 324 -31.28 -31.08 -30.86
N LEU A 325 -30.97 -29.85 -31.26
CA LEU A 325 -31.21 -29.44 -32.64
C LEU A 325 -30.37 -30.29 -33.61
N ALA A 326 -29.11 -30.53 -33.27
CA ALA A 326 -28.26 -31.36 -34.12
C ALA A 326 -28.81 -32.78 -34.23
N SER A 327 -29.28 -33.34 -33.11
CA SER A 327 -29.86 -34.68 -33.15
C SER A 327 -31.11 -34.71 -34.00
N GLN A 328 -31.96 -33.70 -33.88
CA GLN A 328 -33.18 -33.64 -34.70
C GLN A 328 -32.84 -33.56 -36.18
N GLY A 329 -31.79 -32.81 -36.52
CA GLY A 329 -31.32 -32.79 -37.89
C GLY A 329 -30.78 -34.14 -38.34
N ILE A 330 -30.10 -34.84 -37.43
CA ILE A 330 -29.52 -36.15 -37.76
C ILE A 330 -30.62 -37.16 -38.07
N VAL A 331 -31.68 -37.18 -37.25
CA VAL A 331 -32.72 -38.19 -37.40
C VAL A 331 -33.34 -38.13 -38.79
N ALA A 332 -33.57 -36.92 -39.31
CA ALA A 332 -34.14 -36.78 -40.64
C ALA A 332 -33.16 -37.18 -41.74
N GLY A 333 -31.89 -37.39 -41.42
CA GLY A 333 -30.90 -37.75 -42.41
C GLY A 333 -30.35 -36.58 -43.20
N THR A 334 -30.68 -35.35 -42.82
CA THR A 334 -30.19 -34.19 -43.55
C THR A 334 -28.67 -34.07 -43.45
N LEU A 335 -28.12 -34.32 -42.26
CA LEU A 335 -26.69 -34.23 -42.04
C LEU A 335 -26.21 -35.47 -41.29
N THR A 336 -24.94 -35.80 -41.49
CA THR A 336 -24.40 -37.07 -41.04
C THR A 336 -24.26 -37.12 -39.52
N VAL A 337 -24.24 -38.35 -39.00
CA VAL A 337 -24.00 -38.57 -37.58
C VAL A 337 -22.57 -38.15 -37.23
N GLY A 338 -22.34 -37.78 -35.98
CA GLY A 338 -21.06 -37.26 -35.58
C GLY A 338 -20.87 -35.79 -35.81
N ASP A 339 -21.93 -35.07 -36.20
CA ASP A 339 -21.86 -33.63 -36.39
C ASP A 339 -22.31 -32.86 -35.16
N LEU A 340 -22.92 -33.53 -34.17
CA LEU A 340 -23.28 -32.85 -32.94
C LEU A 340 -22.07 -32.61 -32.05
N VAL A 341 -21.09 -33.52 -32.08
CA VAL A 341 -19.95 -33.39 -31.19
C VAL A 341 -19.09 -32.19 -31.60
N MET A 342 -18.95 -31.95 -32.89
CA MET A 342 -18.20 -30.79 -33.34
C MET A 342 -18.82 -29.49 -32.87
N VAL A 343 -20.16 -29.36 -32.97
CA VAL A 343 -20.79 -28.11 -32.58
C VAL A 343 -20.76 -27.95 -31.06
N ASN A 344 -20.85 -29.08 -30.35
CA ASN A 344 -20.69 -29.03 -28.89
C ASN A 344 -19.32 -28.49 -28.52
N GLY A 345 -18.26 -29.07 -29.08
CA GLY A 345 -16.92 -28.61 -28.75
C GLY A 345 -16.67 -27.18 -29.19
N LEU A 346 -17.22 -26.80 -30.35
CA LEU A 346 -17.06 -25.44 -30.86
C LEU A 346 -17.72 -24.43 -29.95
N LEU A 347 -18.95 -24.71 -29.51
CA LEU A 347 -19.61 -23.78 -28.60
C LEU A 347 -18.88 -23.71 -27.27
N PHE A 348 -18.36 -24.84 -26.79
CA PHE A 348 -17.66 -24.81 -25.51
C PHE A 348 -16.37 -24.01 -25.59
N GLN A 349 -15.60 -24.19 -26.68
CA GLN A 349 -14.39 -23.41 -26.82
C GLN A 349 -14.71 -21.93 -27.05
N LEU A 350 -15.88 -21.63 -27.61
CA LEU A 350 -16.35 -20.24 -27.62
C LEU A 350 -16.60 -19.74 -26.20
N SER A 351 -17.17 -20.58 -25.35
CA SER A 351 -17.54 -20.18 -23.99
C SER A 351 -16.35 -20.08 -23.04
N LEU A 352 -15.22 -20.69 -23.39
CA LEU A 352 -14.09 -20.80 -22.46
C LEU A 352 -13.63 -19.50 -21.80
N PRO A 353 -13.37 -18.41 -22.54
CA PRO A 353 -12.66 -17.27 -21.92
C PRO A 353 -13.55 -16.26 -21.19
N LEU A 354 -14.84 -16.53 -21.04
CA LEU A 354 -15.76 -15.52 -20.55
C LEU A 354 -15.67 -15.29 -19.04
N ASN A 355 -14.97 -16.16 -18.31
CA ASN A 355 -14.67 -15.88 -16.92
C ASN A 355 -13.34 -15.15 -16.74
N PHE A 356 -12.34 -15.42 -17.60
CA PHE A 356 -11.16 -14.57 -17.65
C PHE A 356 -11.57 -13.15 -17.97
N LEU A 357 -12.54 -12.98 -18.87
CA LEU A 357 -13.04 -11.65 -19.20
C LEU A 357 -13.48 -10.89 -17.95
N GLY A 358 -14.33 -11.52 -17.13
CA GLY A 358 -14.79 -10.85 -15.92
C GLY A 358 -13.68 -10.60 -14.91
N THR A 359 -12.82 -11.60 -14.71
CA THR A 359 -11.76 -11.44 -13.70
C THR A 359 -10.74 -10.38 -14.10
N VAL A 360 -10.63 -10.04 -15.39
CA VAL A 360 -9.76 -8.93 -15.76
C VAL A 360 -10.54 -7.62 -15.81
N TYR A 361 -11.84 -7.66 -16.11
CA TYR A 361 -12.65 -6.45 -16.05
C TYR A 361 -12.81 -5.94 -14.63
N ARG A 362 -12.58 -6.79 -13.64
CA ARG A 362 -12.75 -6.39 -12.24
C ARG A 362 -12.00 -5.11 -11.91
N GLU A 363 -10.79 -4.93 -12.44
CA GLU A 363 -9.95 -3.78 -12.08
C GLU A 363 -9.75 -2.79 -13.23
N THR A 364 -10.43 -3.00 -14.37
CA THR A 364 -10.32 -2.06 -15.46
C THR A 364 -10.85 -0.68 -15.07
N ARG A 365 -11.90 -0.65 -14.26
CA ARG A 365 -12.43 0.64 -13.80
C ARG A 365 -11.40 1.39 -12.97
N GLN A 366 -10.69 0.69 -12.08
CA GLN A 366 -9.66 1.33 -11.28
C GLN A 366 -8.51 1.82 -12.16
N ALA A 367 -8.13 1.02 -13.17
CA ALA A 367 -7.09 1.46 -14.09
C ALA A 367 -7.51 2.72 -14.83
N LEU A 368 -8.78 2.78 -15.27
CA LEU A 368 -9.28 3.97 -15.95
C LEU A 368 -9.31 5.16 -15.02
N ILE A 369 -9.63 4.95 -13.74
CA ILE A 369 -9.62 6.05 -12.78
C ILE A 369 -8.22 6.59 -12.61
N ASP A 370 -7.22 5.70 -12.51
CA ASP A 370 -5.84 6.16 -12.40
C ASP A 370 -5.41 6.92 -13.66
N MET A 371 -5.82 6.44 -14.83
CA MET A 371 -5.52 7.15 -16.07
C MET A 371 -6.15 8.53 -16.08
N ASN A 372 -7.39 8.65 -15.59
CA ASN A 372 -8.05 9.95 -15.52
C ASN A 372 -7.31 10.88 -14.57
N THR A 373 -6.85 10.36 -13.43
CA THR A 373 -6.08 11.19 -12.51
C THR A 373 -4.80 11.69 -13.15
N LEU A 374 -4.09 10.82 -13.87
CA LEU A 374 -2.87 11.23 -14.56
C LEU A 374 -3.19 12.29 -15.61
N PHE A 375 -4.28 12.11 -16.36
CA PHE A 375 -4.64 13.08 -17.39
C PHE A 375 -4.96 14.44 -16.76
N THR A 376 -5.67 14.44 -15.65
CA THR A 376 -5.95 15.70 -14.96
C THR A 376 -4.67 16.37 -14.50
N LEU A 377 -3.76 15.59 -13.91
CA LEU A 377 -2.49 16.16 -13.45
C LEU A 377 -1.70 16.73 -14.62
N LEU A 378 -1.71 16.06 -15.78
CA LEU A 378 -1.08 16.61 -16.96
C LEU A 378 -1.78 17.88 -17.42
N LYS A 379 -3.09 17.98 -17.21
CA LYS A 379 -3.86 19.15 -17.61
C LYS A 379 -3.81 20.29 -16.59
N VAL A 380 -3.15 20.09 -15.45
CA VAL A 380 -2.93 21.19 -14.51
C VAL A 380 -1.82 22.08 -15.06
N ASP A 381 -1.33 21.76 -16.26
CA ASP A 381 -0.19 22.46 -16.87
C ASP A 381 -0.58 23.78 -17.52
N THR A 382 -1.72 24.36 -17.14
CA THR A 382 -2.13 25.65 -17.70
C THR A 382 -1.15 26.77 -17.35
N GLN A 383 -0.37 26.61 -16.28
CA GLN A 383 0.60 27.62 -15.88
C GLN A 383 1.86 27.48 -16.73
N ILE A 384 2.13 28.47 -17.57
CA ILE A 384 3.31 28.46 -18.42
C ILE A 384 3.97 29.83 -18.41
N LYS A 385 5.08 29.96 -17.72
CA LYS A 385 5.78 31.23 -17.64
C LYS A 385 6.54 31.57 -18.91
N ASP A 386 6.78 30.59 -19.79
CA ASP A 386 7.53 30.83 -21.02
C ASP A 386 6.72 31.73 -21.96
N LYS A 387 7.41 32.66 -22.60
CA LYS A 387 6.81 33.60 -23.52
C LYS A 387 7.20 33.25 -24.95
N VAL A 388 6.68 34.03 -25.90
CA VAL A 388 6.95 33.81 -27.31
C VAL A 388 8.01 34.80 -27.77
N MET A 389 8.55 34.57 -28.97
CA MET A 389 9.59 35.41 -29.55
C MET A 389 10.82 35.46 -28.65
N ALA A 390 11.43 34.29 -28.45
CA ALA A 390 12.59 34.16 -27.56
C ALA A 390 13.83 34.78 -28.18
N SER A 391 14.09 36.05 -27.85
CA SER A 391 15.26 36.73 -28.34
C SER A 391 16.51 36.31 -27.55
N PRO A 392 17.68 36.35 -28.18
CA PRO A 392 18.91 36.00 -27.46
C PRO A 392 19.26 37.07 -26.42
N LEU A 393 20.03 36.63 -25.42
CA LEU A 393 20.43 37.49 -24.31
C LEU A 393 21.88 37.94 -24.55
N GLN A 394 22.07 39.24 -24.73
CA GLN A 394 23.41 39.79 -24.87
C GLN A 394 24.01 40.01 -23.49
N ILE A 395 25.08 39.30 -23.18
CA ILE A 395 25.69 39.34 -21.85
C ILE A 395 27.19 39.50 -22.00
N THR A 396 27.81 40.09 -20.99
CA THR A 396 29.25 40.30 -20.93
C THR A 396 29.63 40.53 -19.48
N PRO A 397 30.90 40.29 -19.11
CA PRO A 397 31.32 40.58 -17.73
C PRO A 397 31.08 42.03 -17.33
N GLN A 398 31.22 42.98 -18.24
CA GLN A 398 30.89 44.36 -17.96
C GLN A 398 29.38 44.57 -18.10
N THR A 399 28.95 45.83 -17.96
CA THR A 399 27.54 46.22 -18.07
C THR A 399 26.72 45.34 -17.12
N ALA A 400 25.62 44.73 -17.56
CA ALA A 400 24.82 43.82 -16.75
C ALA A 400 24.36 44.46 -15.44
N THR A 401 24.02 45.75 -15.49
CA THR A 401 23.59 46.46 -14.30
C THR A 401 22.18 46.05 -13.91
N VAL A 402 22.05 45.11 -12.98
CA VAL A 402 20.74 44.65 -12.53
C VAL A 402 20.05 45.77 -11.77
N ALA A 403 18.80 46.05 -12.13
CA ALA A 403 18.04 47.11 -11.48
C ALA A 403 16.56 46.78 -11.55
N PHE A 404 15.76 47.54 -10.80
CA PHE A 404 14.33 47.39 -10.78
C PHE A 404 13.66 48.71 -11.14
N ASP A 405 12.35 48.65 -11.37
CA ASP A 405 11.55 49.84 -11.63
C ASP A 405 10.15 49.60 -11.08
N ASN A 406 9.91 50.10 -9.86
CA ASN A 406 8.61 50.05 -9.21
C ASN A 406 8.08 48.62 -9.13
N VAL A 407 8.82 47.77 -8.42
CA VAL A 407 8.46 46.38 -8.27
C VAL A 407 7.42 46.23 -7.16
N HIS A 408 6.28 45.63 -7.53
CA HIS A 408 5.23 45.25 -6.58
C HIS A 408 4.80 43.84 -6.92
N PHE A 409 4.71 42.97 -5.92
CA PHE A 409 4.27 41.60 -6.14
C PHE A 409 3.70 41.02 -4.85
N GLU A 410 2.69 40.15 -5.00
CA GLU A 410 1.99 39.56 -3.87
C GLU A 410 1.94 38.05 -4.06
N TYR A 411 2.57 37.31 -3.12
CA TYR A 411 2.44 35.86 -3.13
C TYR A 411 1.02 35.43 -2.82
N ILE A 412 0.45 35.96 -1.74
CA ILE A 412 -0.91 35.63 -1.33
C ILE A 412 -1.85 36.67 -1.92
N GLU A 413 -2.94 36.21 -2.53
CA GLU A 413 -3.86 37.10 -3.22
C GLU A 413 -4.41 38.15 -2.26
N GLY A 414 -4.05 39.41 -2.51
CA GLY A 414 -4.46 40.52 -1.68
C GLY A 414 -3.51 40.86 -0.55
N GLN A 415 -2.45 40.09 -0.34
CA GLN A 415 -1.47 40.35 0.71
C GLN A 415 -0.20 40.90 0.06
N LYS A 416 0.05 42.20 0.27
CA LYS A 416 1.19 42.87 -0.33
C LYS A 416 2.46 42.46 0.41
N VAL A 417 3.04 41.34 0.00
CA VAL A 417 4.30 40.89 0.60
C VAL A 417 5.44 41.80 0.19
N LEU A 418 5.50 42.18 -1.08
CA LEU A 418 6.53 43.06 -1.60
C LEU A 418 5.89 44.17 -2.43
N SER A 419 6.37 45.40 -2.22
CA SER A 419 5.82 46.53 -2.94
C SER A 419 6.83 47.67 -2.94
N GLY A 420 6.87 48.39 -4.05
CA GLY A 420 7.70 49.58 -4.17
C GLY A 420 9.18 49.33 -4.02
N ILE A 421 9.70 48.30 -4.69
CA ILE A 421 11.10 47.93 -4.60
C ILE A 421 11.81 48.34 -5.89
N SER A 422 12.94 49.05 -5.75
CA SER A 422 13.72 49.48 -6.89
C SER A 422 15.17 49.63 -6.44
N PHE A 423 16.03 48.72 -6.91
CA PHE A 423 17.45 48.74 -6.56
C PHE A 423 18.28 49.24 -7.73
N GLU A 424 19.58 49.38 -7.49
CA GLU A 424 20.52 49.81 -8.52
C GLU A 424 21.88 49.23 -8.19
N VAL A 425 22.30 48.23 -8.94
CA VAL A 425 23.55 47.51 -8.71
C VAL A 425 24.46 47.72 -9.90
N PRO A 426 25.49 48.57 -9.77
CA PRO A 426 26.46 48.70 -10.86
C PRO A 426 27.33 47.46 -10.99
N ALA A 427 27.98 47.36 -12.14
CA ALA A 427 28.82 46.20 -12.44
C ALA A 427 30.02 46.13 -11.49
N GLY A 428 30.30 44.93 -11.00
CA GLY A 428 31.46 44.69 -10.17
C GLY A 428 31.32 45.12 -8.72
N LYS A 429 30.15 45.61 -8.31
CA LYS A 429 29.94 46.10 -6.96
C LYS A 429 29.09 45.10 -6.19
N LYS A 430 29.52 44.78 -4.98
CA LYS A 430 28.80 43.86 -4.10
C LYS A 430 27.74 44.64 -3.32
N VAL A 431 26.49 44.23 -3.44
CA VAL A 431 25.37 44.91 -2.79
C VAL A 431 24.69 43.91 -1.85
N ALA A 432 24.50 44.33 -0.60
CA ALA A 432 23.89 43.48 0.42
C ALA A 432 22.60 44.12 0.91
N ILE A 433 21.57 43.30 1.07
CA ILE A 433 20.28 43.73 1.58
C ILE A 433 20.04 43.02 2.91
N VAL A 434 19.57 43.78 3.89
CA VAL A 434 19.34 43.26 5.24
C VAL A 434 17.92 43.65 5.68
N GLY A 435 17.22 42.70 6.29
CA GLY A 435 15.89 42.93 6.79
C GLY A 435 15.72 42.43 8.21
N GLY A 436 14.49 42.50 8.69
CA GLY A 436 14.16 42.06 10.03
C GLY A 436 13.92 40.57 10.10
N SER A 437 12.80 40.16 10.72
CA SER A 437 12.46 38.75 10.77
C SER A 437 12.28 38.18 9.36
N GLY A 438 11.84 39.01 8.42
CA GLY A 438 11.81 38.63 7.03
C GLY A 438 10.49 38.96 6.35
N SER A 439 10.56 39.77 5.30
CA SER A 439 9.41 40.07 4.47
C SER A 439 9.94 40.38 3.06
N GLY A 440 9.95 39.36 2.21
CA GLY A 440 10.47 39.50 0.87
C GLY A 440 11.97 39.36 0.73
N LYS A 441 12.66 38.85 1.75
CA LYS A 441 14.11 38.70 1.65
C LYS A 441 14.48 37.69 0.57
N SER A 442 13.78 36.55 0.54
CA SER A 442 13.98 35.58 -0.53
C SER A 442 13.16 35.88 -1.77
N THR A 443 12.26 36.87 -1.69
CA THR A 443 11.46 37.23 -2.86
C THR A 443 12.35 37.78 -3.98
N ILE A 444 13.44 38.47 -3.60
CA ILE A 444 14.38 38.95 -4.62
C ILE A 444 14.99 37.77 -5.37
N VAL A 445 15.43 36.75 -4.64
CA VAL A 445 16.01 35.57 -5.27
C VAL A 445 14.97 34.89 -6.16
N ARG A 446 13.73 34.77 -5.68
CA ARG A 446 12.69 34.13 -6.48
C ARG A 446 12.41 34.93 -7.76
N LEU A 447 12.39 36.25 -7.67
CA LEU A 447 11.98 37.07 -8.81
C LEU A 447 13.09 37.16 -9.86
N LEU A 448 14.34 37.38 -9.43
CA LEU A 448 15.41 37.56 -10.40
C LEU A 448 15.66 36.30 -11.24
N PHE A 449 15.31 35.13 -10.72
CA PHE A 449 15.53 33.91 -11.46
C PHE A 449 14.31 33.53 -12.31
N ARG A 450 13.31 34.41 -12.34
CA ARG A 450 12.09 34.25 -13.13
C ARG A 450 11.30 33.00 -12.69
N PHE A 451 10.88 33.02 -11.43
CA PHE A 451 9.84 32.12 -10.95
C PHE A 451 8.46 32.78 -10.90
N TYR A 452 8.40 34.10 -10.80
CA TYR A 452 7.14 34.81 -10.74
C TYR A 452 7.25 36.10 -11.55
N GLU A 453 6.10 36.60 -11.99
CA GLU A 453 6.06 37.76 -12.86
C GLU A 453 5.74 39.00 -12.06
N PRO A 454 6.61 40.01 -12.06
CA PRO A 454 6.29 41.27 -11.38
C PRO A 454 5.36 42.13 -12.20
N GLN A 455 4.05 41.94 -12.03
CA GLN A 455 3.06 42.61 -12.87
C GLN A 455 3.19 44.13 -12.85
N LYS A 456 3.76 44.70 -11.79
CA LYS A 456 4.03 46.12 -11.73
C LYS A 456 5.53 46.36 -11.87
N GLY A 457 5.87 47.44 -12.59
CA GLY A 457 7.26 47.77 -12.80
C GLY A 457 7.95 46.83 -13.78
N SER A 458 9.28 46.82 -13.73
CA SER A 458 10.06 46.01 -14.64
C SER A 458 11.42 45.72 -14.01
N ILE A 459 12.14 44.77 -14.61
CA ILE A 459 13.47 44.37 -14.17
C ILE A 459 14.43 44.59 -15.32
N TYR A 460 15.57 45.20 -15.04
CA TYR A 460 16.56 45.52 -16.06
C TYR A 460 17.83 44.72 -15.80
N LEU A 461 18.36 44.09 -16.85
CA LEU A 461 19.60 43.34 -16.78
C LEU A 461 20.36 43.61 -18.08
N ALA A 462 21.41 44.42 -18.01
CA ALA A 462 22.17 44.86 -19.18
C ALA A 462 21.24 45.54 -20.20
N GLY A 463 20.24 46.25 -19.69
CA GLY A 463 19.26 46.90 -20.54
C GLY A 463 18.24 45.97 -21.15
N GLN A 464 18.20 44.71 -20.73
CA GLN A 464 17.28 43.72 -21.28
C GLN A 464 16.27 43.31 -20.21
N ASN A 465 14.99 43.39 -20.55
CA ASN A 465 13.95 42.93 -19.64
C ASN A 465 13.99 41.42 -19.50
N ILE A 466 13.71 40.94 -18.29
CA ILE A 466 13.72 39.50 -18.04
C ILE A 466 12.61 38.82 -18.83
N GLN A 467 11.44 39.45 -18.90
CA GLN A 467 10.28 38.84 -19.55
C GLN A 467 10.33 38.90 -21.06
N ASP A 468 11.29 39.62 -21.65
CA ASP A 468 11.36 39.78 -23.09
C ASP A 468 12.52 39.01 -23.72
N VAL A 469 13.11 38.07 -22.98
CA VAL A 469 14.29 37.34 -23.43
C VAL A 469 14.05 35.84 -23.24
N SER A 470 14.75 35.04 -24.03
CA SER A 470 14.67 33.59 -23.93
C SER A 470 15.02 33.13 -22.52
N LEU A 471 14.30 32.11 -22.05
CA LEU A 471 14.29 31.78 -20.62
C LEU A 471 15.57 31.08 -20.17
N GLU A 472 15.85 29.90 -20.72
CA GLU A 472 16.86 29.05 -20.09
C GLU A 472 18.25 29.65 -20.25
N SER A 473 18.45 30.46 -21.29
CA SER A 473 19.70 31.21 -21.40
C SER A 473 19.84 32.22 -20.25
N LEU A 474 18.75 32.88 -19.88
CA LEU A 474 18.78 33.74 -18.69
C LEU A 474 19.05 32.91 -17.44
N ARG A 475 18.47 31.71 -17.37
CA ARG A 475 18.75 30.84 -16.23
C ARG A 475 20.24 30.48 -16.16
N ARG A 476 20.85 30.22 -17.32
CA ARG A 476 22.27 29.87 -17.35
C ARG A 476 23.16 31.07 -17.06
N ALA A 477 22.70 32.28 -17.37
CA ALA A 477 23.53 33.46 -17.16
C ALA A 477 23.76 33.74 -15.68
N VAL A 478 22.71 33.67 -14.88
CA VAL A 478 22.77 34.03 -13.47
C VAL A 478 22.79 32.78 -12.61
N GLY A 479 23.69 32.75 -11.62
CA GLY A 479 23.80 31.65 -10.69
C GLY A 479 23.32 32.07 -9.31
N VAL A 480 22.81 31.11 -8.55
CA VAL A 480 22.25 31.38 -7.24
C VAL A 480 22.83 30.39 -6.22
N VAL A 481 23.19 30.90 -5.06
CA VAL A 481 23.50 30.09 -3.89
C VAL A 481 22.26 30.09 -2.99
N PRO A 482 21.57 28.96 -2.86
CA PRO A 482 20.22 29.00 -2.27
C PRO A 482 20.24 29.13 -0.76
N GLN A 483 19.08 29.49 -0.21
CA GLN A 483 18.93 29.61 1.23
C GLN A 483 19.11 28.23 1.83
N ASP A 484 18.30 27.28 1.36
CA ASP A 484 18.41 25.90 1.81
C ASP A 484 19.26 25.11 0.82
N ALA A 485 19.35 23.79 1.02
CA ALA A 485 20.13 22.96 0.12
C ALA A 485 19.56 21.55 0.13
N VAL A 486 19.54 20.93 -1.05
CA VAL A 486 19.17 19.53 -1.22
C VAL A 486 20.20 18.88 -2.12
N LEU A 487 20.55 17.63 -1.80
CA LEU A 487 21.61 16.91 -2.50
C LEU A 487 21.05 15.64 -3.12
N PHE A 488 21.49 15.35 -4.34
CA PHE A 488 21.08 14.12 -5.00
C PHE A 488 21.65 12.90 -4.27
N HIS A 489 20.88 11.81 -4.28
CA HIS A 489 21.30 10.56 -3.64
C HIS A 489 22.32 9.87 -4.53
N ASN A 490 23.51 10.47 -4.61
CA ASN A 490 24.61 9.96 -5.39
C ASN A 490 25.90 10.24 -4.63
N THR A 491 27.03 10.06 -5.32
CA THR A 491 28.32 10.36 -4.72
C THR A 491 28.53 11.86 -4.65
N ILE A 492 29.49 12.27 -3.80
CA ILE A 492 29.85 13.68 -3.70
C ILE A 492 30.38 14.19 -5.03
N TYR A 493 31.14 13.36 -5.75
CA TYR A 493 31.69 13.81 -7.02
C TYR A 493 30.58 14.15 -8.01
N TYR A 494 29.51 13.35 -8.04
CA TYR A 494 28.40 13.65 -8.93
C TYR A 494 27.71 14.96 -8.55
N ASN A 495 27.51 15.20 -7.26
CA ASN A 495 26.88 16.45 -6.82
C ASN A 495 27.75 17.65 -7.18
N LEU A 496 29.07 17.52 -7.04
CA LEU A 496 29.96 18.59 -7.47
C LEU A 496 29.89 18.80 -8.98
N LEU A 497 29.87 17.71 -9.75
CA LEU A 497 29.84 17.81 -11.20
C LEU A 497 28.51 18.33 -11.72
N TYR A 498 27.45 18.24 -10.90
CA TYR A 498 26.13 18.69 -11.34
C TYR A 498 26.11 20.16 -11.71
N GLY A 499 27.06 20.95 -11.21
CA GLY A 499 27.11 22.36 -11.60
C GLY A 499 27.37 22.56 -13.07
N ASN A 500 28.32 21.80 -13.62
CA ASN A 500 28.66 21.88 -15.04
C ASN A 500 28.88 20.46 -15.55
N ILE A 501 28.02 20.01 -16.46
CA ILE A 501 28.07 18.63 -16.93
C ILE A 501 29.31 18.41 -17.79
N SER A 502 29.60 19.34 -18.70
CA SER A 502 30.70 19.19 -19.65
C SER A 502 32.01 19.75 -19.12
N ALA A 503 32.16 19.84 -17.81
CA ALA A 503 33.39 20.34 -17.21
C ALA A 503 34.37 19.20 -16.99
N SER A 504 35.65 19.51 -17.16
CA SER A 504 36.69 18.51 -16.93
C SER A 504 36.78 18.18 -15.45
N PRO A 505 37.07 16.92 -15.10
CA PRO A 505 37.20 16.57 -13.68
C PRO A 505 38.26 17.37 -12.94
N GLU A 506 39.35 17.74 -13.62
CA GLU A 506 40.38 18.54 -12.97
C GLU A 506 39.83 19.89 -12.51
N GLU A 507 39.00 20.51 -13.34
CA GLU A 507 38.35 21.76 -12.94
C GLU A 507 37.46 21.53 -11.73
N VAL A 508 36.78 20.38 -11.68
CA VAL A 508 35.92 20.08 -10.53
C VAL A 508 36.74 19.96 -9.26
N TYR A 509 37.88 19.27 -9.33
CA TYR A 509 38.74 19.13 -8.15
C TYR A 509 39.30 20.47 -7.72
N ALA A 510 39.70 21.30 -8.68
CA ALA A 510 40.22 22.63 -8.35
C ALA A 510 39.15 23.49 -7.69
N VAL A 511 37.91 23.43 -8.19
CA VAL A 511 36.82 24.20 -7.61
C VAL A 511 36.53 23.72 -6.20
N ALA A 512 36.51 22.39 -6.00
CA ALA A 512 36.25 21.86 -4.67
C ALA A 512 37.34 22.28 -3.69
N LYS A 513 38.60 22.25 -4.13
CA LYS A 513 39.68 22.71 -3.26
C LYS A 513 39.55 24.19 -2.95
N LEU A 514 39.15 24.99 -3.95
CA LEU A 514 38.97 26.43 -3.72
C LEU A 514 37.84 26.70 -2.74
N ALA A 515 36.84 25.83 -2.69
CA ALA A 515 35.68 26.04 -1.82
C ALA A 515 35.96 25.75 -0.36
N GLY A 516 37.16 25.28 -0.02
CA GLY A 516 37.45 24.91 1.35
C GLY A 516 36.68 23.70 1.82
N LEU A 517 36.52 22.69 0.96
CA LEU A 517 35.78 21.48 1.28
C LEU A 517 36.60 20.21 1.11
N HIS A 518 37.71 20.25 0.38
CA HIS A 518 38.50 19.04 0.15
C HIS A 518 39.03 18.45 1.46
N ASP A 519 39.26 19.29 2.47
CA ASP A 519 39.68 18.76 3.77
C ASP A 519 38.59 17.90 4.39
N ALA A 520 37.34 18.36 4.32
CA ALA A 520 36.23 17.52 4.80
C ALA A 520 36.05 16.30 3.93
N ILE A 521 36.39 16.39 2.64
CA ILE A 521 36.30 15.23 1.76
C ILE A 521 37.30 14.16 2.17
N LEU A 522 38.54 14.56 2.44
CA LEU A 522 39.54 13.60 2.89
C LEU A 522 39.27 13.12 4.31
N ARG A 523 38.56 13.91 5.12
CA ARG A 523 38.12 13.47 6.43
C ARG A 523 36.86 12.60 6.37
N MET A 524 36.22 12.51 5.21
CA MET A 524 35.04 11.68 5.06
C MET A 524 35.42 10.20 5.10
N PRO A 525 34.47 9.32 5.39
CA PRO A 525 34.79 7.88 5.43
C PRO A 525 35.38 7.34 4.14
N HIS A 526 34.92 7.83 2.99
CA HIS A 526 35.45 7.39 1.70
C HIS A 526 36.11 8.52 0.92
N GLY A 527 35.42 9.65 0.74
CA GLY A 527 36.00 10.76 0.01
C GLY A 527 35.13 11.23 -1.14
N TYR A 528 35.67 11.19 -2.35
CA TYR A 528 34.90 11.58 -3.53
C TYR A 528 33.73 10.63 -3.76
N ASP A 529 33.95 9.34 -3.54
CA ASP A 529 32.97 8.32 -3.91
C ASP A 529 32.03 7.95 -2.77
N THR A 530 32.10 8.64 -1.63
CA THR A 530 31.20 8.33 -0.54
C THR A 530 29.75 8.64 -0.93
N GLN A 531 28.84 7.82 -0.40
CA GLN A 531 27.42 7.93 -0.74
C GLN A 531 26.76 8.91 0.21
N VAL A 532 26.22 9.99 -0.33
CA VAL A 532 25.49 10.99 0.45
C VAL A 532 24.12 11.20 -0.19
N GLY A 533 23.10 11.12 0.64
CA GLY A 533 21.74 11.34 0.19
C GLY A 533 20.82 11.28 1.38
N GLU A 534 19.52 11.22 1.11
CA GLU A 534 18.52 11.12 2.16
C GLU A 534 18.75 9.79 2.85
N ARG A 535 18.95 8.75 2.06
CA ARG A 535 19.23 7.42 2.59
C ARG A 535 20.71 7.18 2.83
N GLY A 536 21.57 8.12 2.46
CA GLY A 536 23.00 8.03 2.75
C GLY A 536 23.33 8.62 4.11
N LEU A 537 24.63 8.82 4.33
CA LEU A 537 25.08 9.42 5.57
C LEU A 537 24.63 10.87 5.65
N LYS A 538 24.18 11.28 6.84
CA LYS A 538 23.70 12.62 7.05
C LYS A 538 24.86 13.60 7.17
N LEU A 539 24.59 14.86 6.80
CA LEU A 539 25.58 15.92 6.88
C LEU A 539 24.92 17.16 7.46
N SER A 540 25.73 18.00 8.11
CA SER A 540 25.22 19.23 8.70
C SER A 540 25.09 20.32 7.63
N GLY A 541 24.65 21.50 8.06
CA GLY A 541 24.42 22.58 7.12
C GLY A 541 25.68 23.09 6.45
N GLY A 542 26.81 23.09 7.17
CA GLY A 542 28.03 23.66 6.62
C GLY A 542 28.50 22.96 5.36
N GLU A 543 28.46 21.62 5.36
CA GLU A 543 28.86 20.89 4.17
C GLU A 543 27.95 21.19 2.99
N LYS A 544 26.64 21.32 3.25
CA LYS A 544 25.71 21.67 2.18
C LYS A 544 26.01 23.06 1.62
N GLN A 545 26.33 24.02 2.50
CA GLN A 545 26.70 25.35 2.03
C GLN A 545 27.96 25.31 1.19
N ARG A 546 28.96 24.54 1.62
CA ARG A 546 30.18 24.40 0.83
C ARG A 546 29.88 23.78 -0.53
N VAL A 547 29.02 22.77 -0.57
CA VAL A 547 28.66 22.14 -1.83
C VAL A 547 27.97 23.13 -2.76
N ALA A 548 27.04 23.93 -2.20
CA ALA A 548 26.34 24.92 -3.02
C ALA A 548 27.31 25.96 -3.57
N ILE A 549 28.24 26.43 -2.74
CA ILE A 549 29.21 27.43 -3.20
C ILE A 549 30.09 26.83 -4.29
N ALA A 550 30.53 25.58 -4.12
CA ALA A 550 31.35 24.95 -5.14
C ALA A 550 30.60 24.75 -6.44
N ARG A 551 29.32 24.39 -6.35
CA ARG A 551 28.50 24.27 -7.55
C ARG A 551 28.38 25.61 -8.26
N ALA A 552 28.18 26.68 -7.50
CA ALA A 552 28.11 28.01 -8.09
C ALA A 552 29.41 28.38 -8.78
N ILE A 553 30.55 28.03 -8.16
CA ILE A 553 31.85 28.29 -8.78
C ILE A 553 31.98 27.51 -10.08
N LEU A 554 31.59 26.24 -10.07
CA LEU A 554 31.70 25.41 -11.27
C LEU A 554 30.83 25.94 -12.39
N LYS A 555 29.65 26.45 -12.06
CA LYS A 555 28.79 27.05 -13.08
C LYS A 555 29.45 28.28 -13.69
N ASP A 556 30.16 29.06 -12.87
CA ASP A 556 30.86 30.28 -13.27
C ASP A 556 29.91 31.28 -13.93
N PRO A 557 29.00 31.87 -13.19
CA PRO A 557 28.08 32.84 -13.78
C PRO A 557 28.61 34.25 -13.62
N PRO A 558 28.40 35.12 -14.62
CA PRO A 558 28.77 36.53 -14.45
C PRO A 558 28.02 37.21 -13.32
N VAL A 559 26.79 36.81 -13.03
CA VAL A 559 25.99 37.39 -11.97
C VAL A 559 25.70 36.29 -10.95
N ILE A 560 25.96 36.57 -9.67
CA ILE A 560 25.77 35.60 -8.60
C ILE A 560 24.86 36.21 -7.53
N LEU A 561 23.89 35.42 -7.08
CA LEU A 561 22.96 35.83 -6.02
C LEU A 561 23.13 34.86 -4.86
N TYR A 562 23.83 35.31 -3.81
CA TYR A 562 24.09 34.46 -2.64
C TYR A 562 23.07 34.77 -1.56
N ASP A 563 22.07 33.90 -1.44
CA ASP A 563 21.06 34.02 -0.38
C ASP A 563 21.50 33.12 0.78
N GLU A 564 22.30 33.70 1.66
CA GLU A 564 22.81 32.95 2.80
C GLU A 564 21.67 32.56 3.73
N ALA A 565 21.78 31.38 4.31
CA ALA A 565 20.71 30.84 5.14
C ALA A 565 20.51 31.68 6.39
N THR A 566 19.25 31.79 6.82
CA THR A 566 18.95 32.48 8.06
C THR A 566 19.54 31.76 9.26
N SER A 567 19.51 30.43 9.26
CA SER A 567 20.09 29.65 10.33
C SER A 567 21.59 29.85 10.39
N SER A 568 22.11 30.05 11.60
CA SER A 568 23.52 30.29 11.80
C SER A 568 24.30 28.97 11.82
N LEU A 569 25.63 29.09 11.86
CA LEU A 569 26.52 27.94 11.90
C LEU A 569 27.71 28.29 12.76
N ASP A 570 28.76 27.48 12.68
CA ASP A 570 29.99 27.76 13.42
C ASP A 570 30.63 29.04 12.94
N SER A 571 31.26 29.77 13.87
CA SER A 571 31.87 31.04 13.54
C SER A 571 32.99 30.87 12.51
N ILE A 572 33.89 29.93 12.76
CA ILE A 572 35.01 29.70 11.85
C ILE A 572 34.50 29.35 10.45
N THR A 573 33.46 28.52 10.38
CA THR A 573 32.82 28.25 9.10
C THR A 573 32.28 29.54 8.49
N GLU A 574 31.79 30.46 9.31
CA GLU A 574 31.28 31.72 8.80
C GLU A 574 32.40 32.55 8.16
N GLU A 575 33.55 32.65 8.82
CA GLU A 575 34.65 33.39 8.18
C GLU A 575 35.16 32.68 6.93
N THR A 576 35.20 31.35 6.95
CA THR A 576 35.64 30.63 5.75
C THR A 576 34.70 30.89 4.58
N ILE A 577 33.39 30.84 4.80
CA ILE A 577 32.45 31.07 3.71
C ILE A 577 32.47 32.54 3.30
N LEU A 578 32.74 33.45 4.23
CA LEU A 578 32.91 34.85 3.87
C LEU A 578 34.10 35.05 2.96
N GLY A 579 35.24 34.41 3.28
CA GLY A 579 36.39 34.49 2.40
C GLY A 579 36.12 33.87 1.04
N ALA A 580 35.42 32.73 1.03
CA ALA A 580 35.06 32.11 -0.25
C ALA A 580 34.19 33.03 -1.09
N MET A 581 33.20 33.67 -0.46
CA MET A 581 32.34 34.60 -1.20
C MET A 581 33.13 35.80 -1.70
N LYS A 582 34.06 36.30 -0.89
CA LYS A 582 34.92 37.40 -1.34
C LYS A 582 35.73 36.99 -2.56
N ASP A 583 36.19 35.74 -2.58
CA ASP A 583 36.85 35.22 -3.77
C ASP A 583 35.89 35.15 -4.95
N VAL A 584 34.62 34.80 -4.69
CA VAL A 584 33.62 34.71 -5.74
C VAL A 584 33.40 36.08 -6.40
N VAL A 585 33.29 37.12 -5.58
CA VAL A 585 32.87 38.44 -6.07
C VAL A 585 33.84 39.02 -7.09
N LYS A 586 35.10 38.58 -7.07
CA LYS A 586 36.15 39.18 -7.90
C LYS A 586 35.74 39.32 -9.35
N HIS A 587 35.65 40.57 -9.81
CA HIS A 587 35.36 40.91 -11.20
C HIS A 587 34.04 40.30 -11.68
N ARG A 588 32.98 40.55 -10.91
CA ARG A 588 31.63 40.10 -11.26
C ARG A 588 30.65 40.80 -10.33
N THR A 589 29.37 40.63 -10.63
CA THR A 589 28.30 41.23 -9.85
C THR A 589 27.74 40.21 -8.86
N SER A 590 27.59 40.63 -7.61
CA SER A 590 27.12 39.77 -6.53
C SER A 590 26.02 40.48 -5.74
N ILE A 591 24.96 39.74 -5.45
CA ILE A 591 23.86 40.22 -4.62
C ILE A 591 23.80 39.34 -3.39
N PHE A 592 24.09 39.92 -2.23
CA PHE A 592 24.20 39.18 -0.99
C PHE A 592 22.95 39.38 -0.13
N ILE A 593 22.48 38.30 0.48
CA ILE A 593 21.39 38.35 1.44
C ILE A 593 21.87 37.72 2.74
N ALA A 594 21.83 38.50 3.82
CA ALA A 594 22.33 38.04 5.11
C ALA A 594 21.66 38.84 6.22
N HIS A 595 21.76 38.32 7.44
CA HIS A 595 21.19 38.95 8.61
C HIS A 595 22.24 39.36 9.65
N ARG A 596 23.52 39.18 9.34
CA ARG A 596 24.60 39.55 10.23
C ARG A 596 25.31 40.79 9.69
N LEU A 597 25.48 41.80 10.54
CA LEU A 597 26.09 43.05 10.09
C LEU A 597 27.54 42.83 9.68
N SER A 598 28.26 41.95 10.40
CA SER A 598 29.66 41.72 10.08
C SER A 598 29.84 41.10 8.71
N THR A 599 28.82 40.42 8.19
CA THR A 599 28.93 39.81 6.88
C THR A 599 28.72 40.82 5.76
N VAL A 600 28.13 41.98 6.07
CA VAL A 600 27.76 42.97 5.07
C VAL A 600 28.57 44.26 5.18
N VAL A 601 29.55 44.32 6.08
CA VAL A 601 30.34 45.54 6.22
C VAL A 601 31.15 45.83 4.97
N ASP A 602 31.47 44.80 4.19
CA ASP A 602 32.30 44.96 2.99
C ASP A 602 31.50 45.30 1.74
N ALA A 603 30.17 45.40 1.85
CA ALA A 603 29.35 45.72 0.69
C ALA A 603 29.59 47.16 0.25
N ASP A 604 29.56 47.38 -1.06
CA ASP A 604 29.73 48.72 -1.60
C ASP A 604 28.60 49.63 -1.15
N GLU A 605 27.36 49.13 -1.19
CA GLU A 605 26.21 49.84 -0.66
C GLU A 605 25.24 48.82 -0.06
N ILE A 606 24.65 49.18 1.08
CA ILE A 606 23.78 48.30 1.83
C ILE A 606 22.36 48.85 1.78
N ILE A 607 21.39 47.96 1.58
CA ILE A 607 19.98 48.33 1.47
C ILE A 607 19.23 47.68 2.63
N VAL A 608 18.49 48.49 3.37
CA VAL A 608 17.72 48.03 4.52
C VAL A 608 16.26 47.91 4.13
N LEU A 609 15.66 46.76 4.41
CA LEU A 609 14.26 46.49 4.10
C LEU A 609 13.45 46.56 5.40
N ASP A 610 12.41 47.39 5.39
CA ASP A 610 11.52 47.53 6.54
C ASP A 610 10.08 47.46 6.06
N GLN A 611 9.27 46.64 6.74
CA GLN A 611 7.86 46.39 6.42
C GLN A 611 7.63 46.31 4.91
N GLY A 612 8.44 45.49 4.25
CA GLY A 612 8.25 45.22 2.84
C GLY A 612 8.62 46.33 1.89
N LYS A 613 9.32 47.36 2.37
CA LYS A 613 9.69 48.50 1.55
C LYS A 613 11.15 48.84 1.78
N VAL A 614 11.73 49.54 0.82
CA VAL A 614 13.09 50.07 0.94
C VAL A 614 13.01 51.47 1.53
N ALA A 615 13.81 51.71 2.57
CA ALA A 615 13.79 53.01 3.24
C ALA A 615 15.18 53.58 3.40
N GLU A 616 16.18 52.70 3.56
CA GLU A 616 17.55 53.12 3.84
C GLU A 616 18.48 52.51 2.80
N ARG A 617 19.33 53.35 2.23
CA ARG A 617 20.35 52.91 1.28
C ARG A 617 21.63 53.68 1.55
N GLY A 618 22.76 53.05 1.24
CA GLY A 618 24.05 53.67 1.42
C GLY A 618 25.06 52.65 1.94
N THR A 619 26.19 53.15 2.40
CA THR A 619 27.28 52.31 2.88
C THR A 619 27.05 51.96 4.34
N HIS A 620 28.08 51.38 4.98
CA HIS A 620 27.97 50.99 6.38
C HIS A 620 27.95 52.20 7.32
N HIS A 621 28.29 53.38 6.83
CA HIS A 621 28.31 54.57 7.67
C HIS A 621 26.92 54.97 8.14
N GLY A 622 25.87 54.45 7.51
CA GLY A 622 24.52 54.79 7.92
C GLY A 622 24.04 54.11 9.18
N LEU A 623 24.78 53.12 9.68
CA LEU A 623 24.44 52.40 10.91
C LEU A 623 23.06 51.76 10.74
N LEU A 624 22.29 51.67 11.83
CA LEU A 624 20.97 51.08 11.79
C LEU A 624 20.10 51.60 12.92
N ASP B 62 -14.88 -29.01 19.19
CA ASP B 62 -15.82 -29.83 19.94
C ASP B 62 -17.27 -29.45 19.62
N ARG B 63 -17.43 -28.61 18.60
CA ARG B 63 -18.76 -28.17 18.19
C ARG B 63 -19.23 -29.04 17.03
N PRO B 64 -20.31 -29.81 17.19
CA PRO B 64 -20.77 -30.68 16.10
C PRO B 64 -21.18 -29.92 14.85
N ASP B 65 -21.56 -28.64 14.97
CA ASP B 65 -22.01 -27.88 13.80
C ASP B 65 -20.90 -27.75 12.77
N LEU B 66 -19.69 -27.42 13.22
CA LEU B 66 -18.56 -27.27 12.30
C LEU B 66 -18.21 -28.59 11.63
N ARG B 67 -18.23 -29.68 12.40
CA ARG B 67 -17.96 -30.99 11.82
C ARG B 67 -19.01 -31.35 10.77
N ALA B 68 -20.28 -31.05 11.06
CA ALA B 68 -21.34 -31.33 10.08
C ALA B 68 -21.14 -30.51 8.82
N ARG B 69 -20.78 -29.23 8.95
CA ARG B 69 -20.57 -28.40 7.78
C ARG B 69 -19.39 -28.91 6.96
N VAL B 70 -18.31 -29.32 7.62
CA VAL B 70 -17.15 -29.86 6.90
C VAL B 70 -17.52 -31.13 6.16
N ALA B 71 -18.26 -32.02 6.83
CA ALA B 71 -18.67 -33.27 6.18
C ALA B 71 -19.57 -32.99 4.98
N ILE B 72 -20.48 -32.02 5.12
CA ILE B 72 -21.35 -31.67 4.00
C ILE B 72 -20.54 -31.13 2.83
N SER B 73 -19.55 -30.27 3.12
CA SER B 73 -18.71 -29.73 2.05
C SER B 73 -17.95 -30.83 1.33
N LEU B 74 -17.36 -31.76 2.08
CA LEU B 74 -16.61 -32.84 1.44
C LEU B 74 -17.52 -33.75 0.64
N GLY B 75 -18.72 -34.04 1.16
CA GLY B 75 -19.66 -34.85 0.40
C GLY B 75 -20.11 -34.18 -0.88
N PHE B 76 -20.31 -32.86 -0.84
CA PHE B 76 -20.67 -32.14 -2.05
C PHE B 76 -19.53 -32.15 -3.06
N LEU B 77 -18.29 -32.03 -2.57
CA LEU B 77 -17.13 -32.14 -3.46
C LEU B 77 -17.10 -33.50 -4.15
N GLY B 78 -17.32 -34.56 -3.37
CA GLY B 78 -17.31 -35.90 -3.95
C GLY B 78 -18.42 -36.09 -4.98
N GLY B 79 -19.63 -35.64 -4.66
CA GLY B 79 -20.72 -35.74 -5.61
C GLY B 79 -20.48 -34.94 -6.87
N ALA B 80 -19.87 -33.76 -6.72
CA ALA B 80 -19.54 -32.94 -7.88
C ALA B 80 -18.55 -33.64 -8.79
N LYS B 81 -17.51 -34.23 -8.20
CA LYS B 81 -16.53 -34.96 -9.02
C LYS B 81 -17.18 -36.15 -9.69
N ALA B 82 -18.07 -36.84 -8.98
CA ALA B 82 -18.78 -37.96 -9.58
C ALA B 82 -19.61 -37.52 -10.78
N MET B 83 -20.34 -36.41 -10.65
CA MET B 83 -21.15 -35.93 -11.77
C MET B 83 -20.28 -35.51 -12.94
N ASN B 84 -19.14 -34.86 -12.65
CA ASN B 84 -18.21 -34.49 -13.71
C ASN B 84 -17.71 -35.71 -14.45
N ILE B 85 -17.48 -36.81 -13.73
CA ILE B 85 -17.09 -38.05 -14.38
C ILE B 85 -18.24 -38.62 -15.20
N VAL B 86 -19.47 -38.51 -14.69
CA VAL B 86 -20.63 -39.09 -15.37
C VAL B 86 -20.90 -38.40 -16.70
N VAL B 87 -20.63 -37.09 -16.78
CA VAL B 87 -21.01 -36.34 -17.98
C VAL B 87 -20.47 -36.95 -19.27
N PRO B 88 -19.18 -37.26 -19.41
CA PRO B 88 -18.72 -37.92 -20.65
C PRO B 88 -19.37 -39.28 -20.90
N PHE B 89 -19.69 -40.03 -19.85
CA PHE B 89 -20.46 -41.26 -20.03
C PHE B 89 -21.80 -40.97 -20.69
N MET B 90 -22.47 -39.91 -20.23
CA MET B 90 -23.75 -39.52 -20.82
C MET B 90 -23.59 -39.17 -22.28
N PHE B 91 -22.56 -38.39 -22.60
CA PHE B 91 -22.36 -37.99 -24.00
C PHE B 91 -22.09 -39.21 -24.88
N LYS B 92 -21.27 -40.15 -24.39
CA LYS B 92 -20.98 -41.35 -25.16
C LYS B 92 -22.22 -42.19 -25.38
N TYR B 93 -23.07 -42.31 -24.36
CA TYR B 93 -24.31 -43.05 -24.54
C TYR B 93 -25.21 -42.38 -25.57
N ALA B 94 -25.28 -41.05 -25.56
CA ALA B 94 -26.07 -40.36 -26.58
C ALA B 94 -25.52 -40.62 -27.97
N VAL B 95 -24.19 -40.56 -28.12
CA VAL B 95 -23.57 -40.78 -29.43
C VAL B 95 -23.86 -42.20 -29.93
N ASP B 96 -23.73 -43.20 -29.05
CA ASP B 96 -24.02 -44.57 -29.45
C ASP B 96 -25.48 -44.73 -29.83
N SER B 97 -26.39 -44.12 -29.06
CA SER B 97 -27.82 -44.22 -29.37
C SER B 97 -28.13 -43.64 -30.74
N LEU B 98 -27.55 -42.48 -31.05
CA LEU B 98 -27.81 -41.89 -32.36
C LEU B 98 -27.13 -42.68 -33.48
N ASN B 99 -25.99 -43.31 -33.19
CA ASN B 99 -25.33 -44.14 -34.20
C ASN B 99 -26.17 -45.37 -34.51
N GLN B 100 -26.83 -45.94 -33.50
CA GLN B 100 -27.62 -47.14 -33.72
C GLN B 100 -28.76 -46.89 -34.71
N MET B 101 -29.44 -45.76 -34.59
CA MET B 101 -30.55 -45.44 -35.48
C MET B 101 -30.05 -45.07 -36.87
N VAL B 115 -37.55 -43.73 -32.04
CA VAL B 115 -36.21 -44.23 -31.80
C VAL B 115 -35.33 -43.10 -31.28
N ALA B 116 -35.75 -41.86 -31.53
CA ALA B 116 -35.01 -40.69 -31.07
C ALA B 116 -35.34 -40.29 -29.64
N THR B 117 -36.36 -40.91 -29.04
CA THR B 117 -36.72 -40.57 -27.66
C THR B 117 -35.58 -40.87 -26.71
N MET B 118 -34.92 -42.02 -26.88
CA MET B 118 -33.81 -42.37 -26.02
C MET B 118 -32.66 -41.38 -26.15
N ALA B 119 -32.34 -40.99 -27.39
CA ALA B 119 -31.27 -40.02 -27.60
C ALA B 119 -31.61 -38.67 -26.97
N THR B 120 -32.86 -38.23 -27.12
CA THR B 120 -33.27 -36.98 -26.50
C THR B 120 -33.17 -37.06 -24.98
N ALA B 121 -33.58 -38.19 -24.40
CA ALA B 121 -33.48 -38.37 -22.96
C ALA B 121 -32.04 -38.32 -22.50
N VAL B 122 -31.13 -38.94 -23.25
CA VAL B 122 -29.73 -38.95 -22.85
C VAL B 122 -29.13 -37.55 -22.97
N LEU B 123 -29.53 -36.79 -23.99
CA LEU B 123 -29.06 -35.41 -24.10
C LEU B 123 -29.54 -34.57 -22.92
N ILE B 124 -30.81 -34.73 -22.55
CA ILE B 124 -31.34 -34.02 -21.38
C ILE B 124 -30.57 -34.41 -20.13
N GLY B 125 -30.24 -35.70 -20.01
CA GLY B 125 -29.45 -36.16 -18.88
C GLY B 125 -28.07 -35.53 -18.86
N TYR B 126 -27.44 -35.41 -20.02
CA TYR B 126 -26.14 -34.73 -20.11
C TYR B 126 -26.25 -33.31 -19.57
N GLY B 127 -27.24 -32.55 -20.05
CA GLY B 127 -27.39 -31.17 -19.62
C GLY B 127 -27.63 -31.06 -18.13
N VAL B 128 -28.58 -31.84 -17.61
CA VAL B 128 -28.90 -31.74 -16.19
C VAL B 128 -27.72 -32.22 -15.34
N SER B 129 -26.95 -33.20 -15.82
CA SER B 129 -25.80 -33.67 -15.06
C SER B 129 -24.73 -32.60 -14.95
N ARG B 130 -24.41 -31.92 -16.04
CA ARG B 130 -23.39 -30.87 -15.93
C ARG B 130 -23.89 -29.70 -15.09
N ALA B 131 -25.18 -29.37 -15.20
CA ALA B 131 -25.73 -28.33 -14.34
C ALA B 131 -25.63 -28.72 -12.86
N GLY B 132 -25.95 -29.97 -12.54
CA GLY B 132 -25.84 -30.42 -11.17
C GLY B 132 -24.41 -30.42 -10.66
N ALA B 133 -23.46 -30.74 -11.54
CA ALA B 133 -22.05 -30.69 -11.16
C ALA B 133 -21.64 -29.28 -10.79
N ALA B 134 -22.04 -28.29 -11.60
CA ALA B 134 -21.74 -26.90 -11.25
C ALA B 134 -22.40 -26.52 -9.93
N PHE B 135 -23.66 -26.93 -9.74
CA PHE B 135 -24.37 -26.61 -8.51
C PHE B 135 -23.66 -27.19 -7.29
N PHE B 136 -23.16 -28.43 -7.42
CA PHE B 136 -22.46 -29.07 -6.31
C PHE B 136 -21.16 -28.34 -5.99
N ASN B 137 -20.37 -28.02 -7.04
CA ASN B 137 -19.16 -27.22 -6.83
C ASN B 137 -19.48 -25.97 -6.02
N GLU B 138 -20.53 -25.26 -6.40
CA GLU B 138 -20.74 -23.92 -5.85
C GLU B 138 -21.35 -23.98 -4.46
N VAL B 139 -22.19 -24.98 -4.19
CA VAL B 139 -22.71 -25.13 -2.84
C VAL B 139 -21.59 -25.53 -1.89
N ARG B 140 -20.66 -26.38 -2.34
CA ARG B 140 -19.48 -26.67 -1.53
C ARG B 140 -18.68 -25.40 -1.26
N ASN B 141 -18.48 -24.58 -2.31
CA ASN B 141 -17.75 -23.34 -2.14
C ASN B 141 -18.39 -22.45 -1.09
N ALA B 142 -19.71 -22.27 -1.17
CA ALA B 142 -20.40 -21.38 -0.24
C ALA B 142 -20.32 -21.90 1.19
N VAL B 143 -20.56 -23.20 1.38
CA VAL B 143 -20.54 -23.76 2.73
C VAL B 143 -19.16 -23.62 3.36
N PHE B 144 -18.11 -23.96 2.59
CA PHE B 144 -16.78 -23.84 3.17
C PHE B 144 -16.38 -22.40 3.39
N GLY B 145 -16.80 -21.49 2.52
CA GLY B 145 -16.54 -20.09 2.77
C GLY B 145 -17.13 -19.62 4.09
N LYS B 146 -18.39 -20.01 4.34
CA LYS B 146 -19.02 -19.65 5.61
C LYS B 146 -18.23 -20.19 6.80
N VAL B 147 -17.92 -21.48 6.78
CA VAL B 147 -17.28 -22.09 7.96
C VAL B 147 -15.88 -21.52 8.15
N ALA B 148 -15.13 -21.34 7.07
CA ALA B 148 -13.78 -20.80 7.18
C ALA B 148 -13.80 -19.37 7.70
N GLN B 149 -14.77 -18.56 7.24
CA GLN B 149 -14.79 -17.16 7.65
C GLN B 149 -15.17 -17.06 9.13
N ASN B 150 -16.07 -17.95 9.59
CA ASN B 150 -16.37 -18.02 11.02
C ASN B 150 -15.11 -18.39 11.82
N SER B 151 -14.34 -19.35 11.32
CA SER B 151 -13.09 -19.71 12.00
C SER B 151 -12.15 -18.51 12.07
N ILE B 152 -12.06 -17.75 10.97
CA ILE B 152 -11.20 -16.57 10.96
C ILE B 152 -11.64 -15.58 12.02
N ARG B 153 -12.94 -15.47 12.21
CA ARG B 153 -13.49 -14.58 13.22
C ARG B 153 -13.10 -15.05 14.63
N ARG B 154 -12.99 -16.36 14.83
CA ARG B 154 -12.63 -16.90 16.13
C ARG B 154 -11.15 -16.69 16.44
N ILE B 155 -10.27 -17.02 15.49
CA ILE B 155 -8.84 -16.81 15.73
C ILE B 155 -8.52 -15.32 15.86
N ALA B 156 -9.12 -14.45 15.04
CA ALA B 156 -8.83 -13.03 15.17
C ALA B 156 -9.25 -12.49 16.53
N LYS B 157 -10.45 -12.86 16.99
CA LYS B 157 -10.94 -12.40 18.28
C LYS B 157 -10.06 -12.91 19.42
N ASN B 158 -9.61 -14.16 19.34
CA ASN B 158 -8.71 -14.68 20.37
C ASN B 158 -7.35 -13.99 20.36
N VAL B 159 -6.79 -13.76 19.17
CA VAL B 159 -5.44 -13.19 19.08
C VAL B 159 -5.45 -11.74 19.52
N PHE B 160 -6.55 -11.02 19.31
CA PHE B 160 -6.63 -9.64 19.79
C PHE B 160 -6.52 -9.57 21.30
N LEU B 161 -7.31 -10.40 22.00
CA LEU B 161 -7.25 -10.44 23.46
C LEU B 161 -5.89 -10.92 23.94
N HIS B 162 -5.31 -11.92 23.26
CA HIS B 162 -3.99 -12.39 23.66
C HIS B 162 -2.94 -11.31 23.49
N LEU B 163 -3.01 -10.54 22.41
CA LEU B 163 -2.05 -9.47 22.18
C LEU B 163 -2.18 -8.38 23.24
N HIS B 164 -3.41 -8.05 23.65
CA HIS B 164 -3.54 -7.08 24.73
C HIS B 164 -3.36 -7.72 26.10
N ASN B 165 -2.27 -8.47 26.28
CA ASN B 165 -1.90 -8.97 27.59
C ASN B 165 -0.40 -8.91 27.85
N LEU B 166 0.40 -8.44 26.90
CA LEU B 166 1.84 -8.48 27.03
C LEU B 166 2.36 -7.29 27.86
N ASP B 167 3.66 -7.29 28.09
CA ASP B 167 4.28 -6.25 28.90
C ASP B 167 4.30 -4.91 28.18
N LEU B 168 4.43 -3.84 28.96
CA LEU B 168 4.48 -2.49 28.40
C LEU B 168 5.69 -2.30 27.49
N GLY B 169 6.80 -2.99 27.79
CA GLY B 169 8.00 -2.81 27.01
C GLY B 169 7.84 -3.23 25.56
N PHE B 170 7.09 -4.32 25.33
CA PHE B 170 6.89 -4.79 23.97
C PHE B 170 6.12 -3.78 23.13
N HIS B 171 5.10 -3.15 23.73
CA HIS B 171 4.31 -2.17 22.99
C HIS B 171 5.06 -0.85 22.84
N LEU B 172 5.93 -0.53 23.80
CA LEU B 172 6.80 0.63 23.62
C LEU B 172 7.79 0.41 22.48
N SER B 173 8.33 -0.81 22.38
CA SER B 173 9.23 -1.12 21.27
C SER B 173 8.51 -1.06 19.94
N ARG B 174 7.27 -1.57 19.89
CA ARG B 174 6.47 -1.54 18.66
C ARG B 174 5.88 -0.15 18.47
N GLN B 175 6.77 0.79 18.12
CA GLN B 175 6.40 2.19 17.96
C GLN B 175 5.80 2.43 16.57
N THR B 176 4.73 1.70 16.30
CA THR B 176 4.00 1.82 15.03
C THR B 176 2.64 1.18 15.22
N GLY B 177 1.74 1.48 14.29
CA GLY B 177 0.42 0.87 14.29
C GLY B 177 0.37 -0.35 13.40
N ALA B 178 1.55 -0.88 13.05
CA ALA B 178 1.63 -1.99 12.11
C ALA B 178 1.13 -3.29 12.69
N LEU B 179 0.84 -3.35 14.00
CA LEU B 179 0.36 -4.59 14.59
C LEU B 179 -1.01 -4.98 14.04
N SER B 180 -1.90 -4.00 13.86
CA SER B 180 -3.22 -4.30 13.29
C SER B 180 -3.09 -4.81 11.86
N LYS B 181 -2.22 -4.16 11.07
CA LYS B 181 -2.00 -4.63 9.71
C LYS B 181 -1.45 -6.05 9.72
N ALA B 182 -0.51 -6.34 10.61
CA ALA B 182 0.06 -7.68 10.69
C ALA B 182 -0.99 -8.71 11.04
N ILE B 183 -1.85 -8.43 12.03
CA ILE B 183 -2.82 -9.44 12.45
C ILE B 183 -3.89 -9.63 11.38
N ASP B 184 -4.37 -8.55 10.76
CA ASP B 184 -5.38 -8.74 9.72
C ASP B 184 -4.80 -9.44 8.50
N ARG B 185 -3.56 -9.10 8.13
CA ARG B 185 -2.91 -9.78 7.01
C ARG B 185 -2.73 -11.26 7.30
N GLY B 186 -2.35 -11.59 8.53
CA GLY B 186 -2.22 -12.99 8.90
C GLY B 186 -3.53 -13.74 8.84
N THR B 187 -4.61 -13.11 9.33
CA THR B 187 -5.92 -13.75 9.26
C THR B 187 -6.35 -13.99 7.81
N ARG B 188 -6.18 -12.97 6.95
CA ARG B 188 -6.53 -13.14 5.55
C ARG B 188 -5.66 -14.19 4.89
N GLY B 189 -4.38 -14.25 5.25
CA GLY B 189 -3.51 -15.26 4.67
C GLY B 189 -3.88 -16.67 5.08
N ILE B 190 -4.23 -16.85 6.36
CA ILE B 190 -4.68 -18.17 6.81
C ILE B 190 -5.95 -18.57 6.08
N SER B 191 -6.90 -17.64 5.97
CA SER B 191 -8.14 -17.94 5.25
C SER B 191 -7.85 -18.30 3.80
N PHE B 192 -6.97 -17.54 3.14
CA PHE B 192 -6.64 -17.80 1.75
C PHE B 192 -5.96 -19.15 1.57
N VAL B 193 -5.03 -19.48 2.46
CA VAL B 193 -4.33 -20.75 2.35
C VAL B 193 -5.30 -21.91 2.53
N LEU B 194 -6.16 -21.82 3.55
CA LEU B 194 -7.13 -22.88 3.79
C LEU B 194 -8.07 -23.05 2.61
N SER B 195 -8.60 -21.93 2.10
CA SER B 195 -9.55 -21.99 0.98
C SER B 195 -8.89 -22.55 -0.26
N ALA B 196 -7.68 -22.07 -0.58
CA ALA B 196 -6.98 -22.55 -1.77
C ALA B 196 -6.70 -24.05 -1.67
N LEU B 197 -6.22 -24.49 -0.50
CA LEU B 197 -5.94 -25.91 -0.31
C LEU B 197 -7.20 -26.74 -0.53
N VAL B 198 -8.27 -26.41 0.19
CA VAL B 198 -9.46 -27.26 0.16
C VAL B 198 -10.20 -27.18 -1.18
N PHE B 199 -10.10 -26.07 -1.89
CA PHE B 199 -10.75 -25.93 -3.19
C PHE B 199 -9.91 -26.36 -4.37
N ASN B 200 -8.61 -26.57 -4.21
CA ASN B 200 -7.80 -27.01 -5.34
C ASN B 200 -7.10 -28.33 -5.13
N LEU B 201 -6.39 -28.52 -4.01
CA LEU B 201 -5.52 -29.69 -3.89
C LEU B 201 -6.33 -30.98 -3.80
N LEU B 202 -7.21 -31.07 -2.80
CA LEU B 202 -8.01 -32.28 -2.64
C LEU B 202 -8.91 -32.56 -3.84
N PRO B 203 -9.70 -31.61 -4.37
CA PRO B 203 -10.56 -31.93 -5.51
C PRO B 203 -9.79 -32.37 -6.75
N ILE B 204 -8.64 -31.77 -7.02
CA ILE B 204 -7.89 -32.14 -8.23
C ILE B 204 -7.30 -33.54 -8.08
N MET B 205 -6.77 -33.87 -6.89
CA MET B 205 -6.28 -35.22 -6.67
C MET B 205 -7.41 -36.24 -6.77
N PHE B 206 -8.58 -35.90 -6.23
CA PHE B 206 -9.74 -36.79 -6.36
C PHE B 206 -10.12 -36.98 -7.82
N GLU B 207 -10.11 -35.90 -8.59
CA GLU B 207 -10.41 -36.00 -10.02
C GLU B 207 -9.42 -36.92 -10.73
N VAL B 208 -8.13 -36.75 -10.43
CA VAL B 208 -7.11 -37.59 -11.07
C VAL B 208 -7.32 -39.05 -10.71
N MET B 209 -7.59 -39.34 -9.43
CA MET B 209 -7.81 -40.72 -9.01
C MET B 209 -9.03 -41.33 -9.71
N LEU B 210 -10.13 -40.57 -9.75
CA LEU B 210 -11.34 -41.09 -10.40
C LEU B 210 -11.10 -41.32 -11.89
N VAL B 211 -10.43 -40.38 -12.56
CA VAL B 211 -10.13 -40.54 -13.97
C VAL B 211 -9.27 -41.78 -14.21
N SER B 212 -8.22 -41.96 -13.43
CA SER B 212 -7.35 -43.11 -13.62
C SER B 212 -8.11 -44.40 -13.39
N GLY B 213 -8.92 -44.47 -12.33
CA GLY B 213 -9.66 -45.69 -12.05
C GLY B 213 -10.67 -46.02 -13.14
N VAL B 214 -11.44 -45.02 -13.58
CA VAL B 214 -12.47 -45.28 -14.57
C VAL B 214 -11.84 -45.63 -15.92
N LEU B 215 -10.72 -45.00 -16.25
CA LEU B 215 -10.06 -45.30 -17.52
C LEU B 215 -9.40 -46.68 -17.50
N TYR B 216 -8.88 -47.09 -16.34
CA TYR B 216 -8.30 -48.43 -16.26
C TYR B 216 -9.37 -49.51 -16.31
N TYR B 217 -10.48 -49.30 -15.60
CA TYR B 217 -11.51 -50.33 -15.55
C TYR B 217 -12.32 -50.40 -16.84
N LYS B 218 -12.70 -49.24 -17.40
CA LYS B 218 -13.59 -49.24 -18.56
C LYS B 218 -12.86 -49.64 -19.83
N CYS B 219 -11.65 -49.12 -20.04
CA CYS B 219 -10.95 -49.30 -21.31
C CYS B 219 -9.71 -50.19 -21.17
N GLY B 220 -8.78 -49.84 -20.31
CA GLY B 220 -7.59 -50.63 -20.16
C GLY B 220 -6.51 -49.86 -19.40
N ALA B 221 -5.41 -50.56 -19.16
CA ALA B 221 -4.31 -49.97 -18.38
C ALA B 221 -3.55 -48.93 -19.19
N GLN B 222 -3.52 -49.05 -20.52
CA GLN B 222 -2.76 -48.12 -21.33
C GLN B 222 -3.30 -46.70 -21.22
N PHE B 223 -4.62 -46.56 -21.21
CA PHE B 223 -5.22 -45.23 -21.12
C PHE B 223 -4.89 -44.55 -19.79
N ALA B 224 -5.00 -45.29 -18.69
CA ALA B 224 -4.62 -44.74 -17.39
C ALA B 224 -3.14 -44.39 -17.36
N LEU B 225 -2.30 -45.25 -17.94
CA LEU B 225 -0.86 -44.99 -17.94
C LEU B 225 -0.55 -43.71 -18.70
N VAL B 226 -1.17 -43.52 -19.88
CA VAL B 226 -0.84 -42.36 -20.69
C VAL B 226 -1.38 -41.08 -20.04
N THR B 227 -2.56 -41.13 -19.43
CA THR B 227 -3.05 -39.92 -18.78
C THR B 227 -2.21 -39.56 -17.55
N LEU B 228 -1.79 -40.58 -16.78
CA LEU B 228 -0.89 -40.31 -15.66
C LEU B 228 0.43 -39.72 -16.13
N GLY B 229 0.97 -40.26 -17.23
CA GLY B 229 2.19 -39.69 -17.78
C GLY B 229 2.01 -38.26 -18.23
N THR B 230 0.87 -37.96 -18.86
CA THR B 230 0.63 -36.59 -19.31
C THR B 230 0.59 -35.63 -18.14
N LEU B 231 -0.12 -35.99 -17.07
CA LEU B 231 -0.14 -35.15 -15.87
C LEU B 231 1.26 -35.01 -15.27
N GLY B 232 2.03 -36.09 -15.26
CA GLY B 232 3.37 -36.04 -14.70
C GLY B 232 4.27 -35.08 -15.45
N THR B 233 4.28 -35.18 -16.78
CA THR B 233 5.10 -34.25 -17.56
C THR B 233 4.60 -32.81 -17.42
N TYR B 234 3.28 -32.61 -17.36
CA TYR B 234 2.76 -31.26 -17.16
C TYR B 234 3.27 -30.66 -15.86
N THR B 235 3.13 -31.40 -14.76
CA THR B 235 3.56 -30.85 -13.47
C THR B 235 5.07 -30.67 -13.41
N ALA B 236 5.84 -31.59 -14.01
CA ALA B 236 7.29 -31.42 -14.04
C ALA B 236 7.68 -30.17 -14.80
N PHE B 237 7.06 -29.93 -15.96
CA PHE B 237 7.37 -28.75 -16.75
C PHE B 237 7.02 -27.48 -15.98
N THR B 238 5.83 -27.47 -15.34
CA THR B 238 5.43 -26.28 -14.60
C THR B 238 6.38 -25.99 -13.45
N VAL B 239 6.77 -27.03 -12.71
CA VAL B 239 7.70 -26.83 -11.59
C VAL B 239 9.05 -26.33 -12.11
N ALA B 240 9.52 -26.88 -13.23
CA ALA B 240 10.80 -26.45 -13.78
C ALA B 240 10.77 -24.99 -14.20
N VAL B 241 9.67 -24.55 -14.81
CA VAL B 241 9.63 -23.19 -15.32
C VAL B 241 9.30 -22.16 -14.24
N THR B 242 8.69 -22.58 -13.12
CA THR B 242 8.26 -21.62 -12.10
C THR B 242 9.44 -20.82 -11.56
N ARG B 243 10.54 -21.48 -11.20
CA ARG B 243 11.68 -20.77 -10.62
C ARG B 243 12.39 -19.90 -11.66
N TRP B 244 12.55 -20.43 -12.86
CA TRP B 244 13.20 -19.69 -13.94
C TRP B 244 12.38 -18.46 -14.33
N ARG B 245 11.09 -18.44 -14.00
CA ARG B 245 10.29 -17.24 -14.17
C ARG B 245 10.32 -16.32 -12.95
N THR B 246 10.36 -16.89 -11.75
CA THR B 246 10.33 -16.03 -10.56
C THR B 246 11.63 -15.25 -10.41
N ARG B 247 12.75 -15.77 -10.92
CA ARG B 247 13.97 -14.97 -10.90
C ARG B 247 13.81 -13.70 -11.75
N PHE B 248 13.21 -13.83 -12.93
CA PHE B 248 12.94 -12.67 -13.77
C PHE B 248 11.94 -11.73 -13.10
N ARG B 249 10.95 -12.30 -12.42
CA ARG B 249 9.99 -11.46 -11.69
C ARG B 249 10.70 -10.62 -10.63
N ILE B 250 11.62 -11.23 -9.88
CA ILE B 250 12.37 -10.51 -8.87
C ILE B 250 13.21 -9.40 -9.50
N GLU B 251 13.85 -9.70 -10.63
CA GLU B 251 14.65 -8.69 -11.31
C GLU B 251 13.78 -7.51 -11.75
N MET B 252 12.59 -7.79 -12.30
CA MET B 252 11.72 -6.70 -12.73
C MET B 252 11.26 -5.87 -11.54
N ASN B 253 10.94 -6.53 -10.43
CA ASN B 253 10.49 -5.82 -9.24
C ASN B 253 11.58 -4.88 -8.73
N LYS B 254 12.83 -5.36 -8.70
CA LYS B 254 13.93 -4.51 -8.26
C LYS B 254 14.13 -3.34 -9.21
N ALA B 255 14.04 -3.59 -10.52
CA ALA B 255 14.20 -2.50 -11.49
C ALA B 255 13.12 -1.45 -11.33
N ASP B 256 11.88 -1.88 -11.13
CA ASP B 256 10.79 -0.93 -10.94
C ASP B 256 10.97 -0.12 -9.67
N ASN B 257 11.42 -0.77 -8.59
CA ASN B 257 11.70 -0.03 -7.36
C ASN B 257 12.81 1.00 -7.57
N ASP B 258 13.85 0.63 -8.31
CA ASP B 258 14.94 1.57 -8.60
C ASP B 258 14.44 2.76 -9.40
N ALA B 259 13.61 2.51 -10.41
CA ALA B 259 13.06 3.60 -11.21
C ALA B 259 12.19 4.52 -10.36
N GLY B 260 11.37 3.95 -9.48
CA GLY B 260 10.56 4.77 -8.60
C GLY B 260 11.39 5.62 -7.67
N ASN B 261 12.46 5.06 -7.11
CA ASN B 261 13.33 5.83 -6.24
C ASN B 261 14.03 6.95 -7.00
N ALA B 262 14.45 6.68 -8.23
CA ALA B 262 15.05 7.73 -9.04
C ALA B 262 14.06 8.85 -9.32
N ALA B 263 12.80 8.49 -9.60
CA ALA B 263 11.78 9.51 -9.80
C ALA B 263 11.56 10.34 -8.54
N ILE B 264 11.54 9.67 -7.38
CA ILE B 264 11.41 10.38 -6.11
C ILE B 264 12.53 11.39 -5.93
N ASP B 265 13.78 10.97 -6.19
CA ASP B 265 14.91 11.87 -6.01
C ASP B 265 14.84 13.05 -6.98
N SER B 266 14.49 12.77 -8.24
CA SER B 266 14.40 13.85 -9.22
C SER B 266 13.32 14.85 -8.85
N LEU B 267 12.17 14.37 -8.39
CA LEU B 267 11.11 15.28 -7.95
C LEU B 267 11.55 16.08 -6.72
N LEU B 268 12.24 15.45 -5.78
CA LEU B 268 12.66 16.16 -4.58
C LEU B 268 13.69 17.24 -4.86
N ASN B 269 14.56 17.03 -5.84
CA ASN B 269 15.62 17.99 -6.16
C ASN B 269 15.20 18.97 -7.23
N TYR B 270 13.93 19.35 -7.24
CA TYR B 270 13.40 20.15 -8.34
C TYR B 270 13.95 21.58 -8.31
N GLU B 271 14.18 22.12 -7.12
CA GLU B 271 14.77 23.45 -7.01
C GLU B 271 16.16 23.48 -7.64
N THR B 272 17.00 22.50 -7.32
CA THR B 272 18.32 22.44 -7.92
C THR B 272 18.25 22.17 -9.41
N VAL B 273 17.27 21.38 -9.84
CA VAL B 273 17.09 21.13 -11.27
C VAL B 273 16.81 22.43 -12.00
N LYS B 274 15.91 23.25 -11.46
CA LYS B 274 15.60 24.53 -12.10
C LYS B 274 16.77 25.51 -11.99
N TYR B 275 17.56 25.43 -10.91
CA TYR B 275 18.64 26.38 -10.72
C TYR B 275 19.64 26.31 -11.86
N PHE B 276 19.96 25.11 -12.32
CA PHE B 276 20.82 24.92 -13.47
C PHE B 276 19.98 24.57 -14.70
N ASN B 277 20.67 24.21 -15.78
CA ASN B 277 20.03 23.90 -17.06
C ASN B 277 19.64 22.44 -17.18
N ASN B 278 19.50 21.74 -16.06
CA ASN B 278 19.39 20.28 -16.06
C ASN B 278 17.94 19.80 -16.03
N GLU B 279 17.15 20.14 -17.04
CA GLU B 279 15.81 19.59 -17.15
C GLU B 279 15.76 18.37 -18.05
N ARG B 280 16.64 18.29 -19.05
CA ARG B 280 16.65 17.15 -19.96
C ARG B 280 17.54 16.02 -19.44
N TYR B 281 18.54 16.34 -18.63
CA TYR B 281 19.43 15.30 -18.10
C TYR B 281 18.66 14.33 -17.21
N GLU B 282 17.76 14.86 -16.37
CA GLU B 282 16.93 14.00 -15.53
C GLU B 282 16.02 13.12 -16.38
N ALA B 283 15.49 13.68 -17.47
CA ALA B 283 14.67 12.87 -18.38
C ALA B 283 15.47 11.74 -18.99
N GLN B 284 16.72 12.02 -19.40
CA GLN B 284 17.55 10.96 -19.97
C GLN B 284 17.86 9.87 -18.93
N ARG B 285 18.14 10.28 -17.69
CA ARG B 285 18.38 9.29 -16.65
C ARG B 285 17.14 8.43 -16.40
N TYR B 286 15.98 9.07 -16.36
CA TYR B 286 14.73 8.32 -16.20
C TYR B 286 14.52 7.36 -17.36
N ASP B 287 14.87 7.78 -18.57
CA ASP B 287 14.77 6.89 -19.74
C ASP B 287 15.67 5.67 -19.59
N GLY B 288 16.90 5.88 -19.11
CA GLY B 288 17.79 4.76 -18.87
C GLY B 288 17.21 3.79 -17.85
N PHE B 289 16.65 4.32 -16.77
CA PHE B 289 16.00 3.46 -15.79
C PHE B 289 14.82 2.72 -16.40
N LEU B 290 14.11 3.37 -17.32
CA LEU B 290 12.99 2.73 -18.00
C LEU B 290 13.46 1.56 -18.86
N LYS B 291 14.61 1.68 -19.51
CA LYS B 291 15.24 0.50 -20.14
C LYS B 291 15.59 -0.59 -19.14
N THR B 292 16.15 -0.21 -18.00
CA THR B 292 16.53 -1.23 -17.03
C THR B 292 15.29 -2.03 -16.59
N TYR B 293 14.14 -1.36 -16.49
CA TYR B 293 12.89 -2.05 -16.20
C TYR B 293 12.35 -2.77 -17.44
N GLU B 294 12.59 -2.20 -18.63
CA GLU B 294 12.06 -2.68 -19.90
C GLU B 294 12.53 -4.08 -20.21
N THR B 295 13.84 -4.31 -20.11
CA THR B 295 14.37 -5.62 -20.47
C THR B 295 13.77 -6.72 -19.61
N ALA B 296 13.67 -6.46 -18.29
CA ALA B 296 13.09 -7.45 -17.39
C ALA B 296 11.61 -7.69 -17.70
N SER B 297 10.86 -6.62 -18.00
CA SER B 297 9.45 -6.80 -18.34
C SER B 297 9.30 -7.67 -19.59
N LEU B 298 10.10 -7.39 -20.62
CA LEU B 298 10.01 -8.18 -21.84
C LEU B 298 10.38 -9.64 -21.58
N LYS B 299 11.43 -9.88 -20.80
CA LYS B 299 11.83 -11.24 -20.50
C LYS B 299 10.74 -11.99 -19.75
N SER B 300 10.10 -11.34 -18.78
CA SER B 300 9.04 -11.99 -18.03
C SER B 300 7.84 -12.33 -18.92
N THR B 301 7.45 -11.40 -19.80
CA THR B 301 6.33 -11.70 -20.70
C THR B 301 6.67 -12.87 -21.61
N SER B 302 7.89 -12.89 -22.16
CA SER B 302 8.28 -13.97 -23.06
C SER B 302 8.29 -15.32 -22.33
N THR B 303 8.82 -15.35 -21.11
CA THR B 303 8.89 -16.63 -20.39
C THR B 303 7.50 -17.09 -19.96
N LEU B 304 6.60 -16.16 -19.64
CA LEU B 304 5.21 -16.57 -19.37
C LEU B 304 4.57 -17.19 -20.60
N ALA B 305 4.79 -16.58 -21.76
CA ALA B 305 4.25 -17.16 -22.99
C ALA B 305 4.83 -18.54 -23.25
N MET B 306 6.13 -18.72 -23.02
CA MET B 306 6.77 -20.01 -23.23
C MET B 306 6.20 -21.07 -22.29
N LEU B 307 5.99 -20.71 -21.02
CA LEU B 307 5.40 -21.66 -20.07
C LEU B 307 4.00 -22.07 -20.51
N ASN B 308 3.19 -21.10 -20.95
CA ASN B 308 1.86 -21.41 -21.42
C ASN B 308 1.91 -22.34 -22.63
N PHE B 309 2.86 -22.11 -23.54
CA PHE B 309 3.01 -23.02 -24.68
C PHE B 309 3.35 -24.43 -24.23
N GLY B 310 4.27 -24.55 -23.27
CA GLY B 310 4.61 -25.87 -22.77
C GLY B 310 3.39 -26.60 -22.23
N GLN B 311 2.59 -25.91 -21.43
CA GLN B 311 1.38 -26.53 -20.86
C GLN B 311 0.43 -26.97 -21.97
N SER B 312 0.11 -26.05 -22.90
CA SER B 312 -0.88 -26.36 -23.92
C SER B 312 -0.40 -27.48 -24.84
N ALA B 313 0.88 -27.47 -25.22
CA ALA B 313 1.41 -28.51 -26.08
C ALA B 313 1.43 -29.86 -25.38
N ILE B 314 1.76 -29.88 -24.09
CA ILE B 314 1.72 -31.14 -23.34
C ILE B 314 0.31 -31.72 -23.35
N PHE B 315 -0.68 -30.85 -23.12
CA PHE B 315 -2.06 -31.33 -23.11
C PHE B 315 -2.49 -31.79 -24.50
N SER B 316 -2.04 -31.10 -25.55
CA SER B 316 -2.33 -31.53 -26.91
C SER B 316 -1.75 -32.91 -27.20
N VAL B 317 -0.50 -33.14 -26.81
CA VAL B 317 0.12 -34.44 -27.06
C VAL B 317 -0.62 -35.54 -26.31
N GLY B 318 -1.02 -35.24 -25.07
CA GLY B 318 -1.79 -36.23 -24.31
C GLY B 318 -3.10 -36.57 -24.97
N LEU B 319 -3.84 -35.55 -25.43
CA LEU B 319 -5.11 -35.81 -26.10
C LEU B 319 -4.91 -36.59 -27.38
N THR B 320 -3.89 -36.23 -28.17
CA THR B 320 -3.64 -36.96 -29.41
C THR B 320 -3.32 -38.42 -29.15
N ALA B 321 -2.48 -38.67 -28.14
CA ALA B 321 -2.12 -40.06 -27.83
C ALA B 321 -3.32 -40.86 -27.35
N ILE B 322 -4.14 -40.27 -26.48
CA ILE B 322 -5.29 -41.02 -25.96
C ILE B 322 -6.30 -41.29 -27.08
N MET B 323 -6.50 -40.34 -27.98
CA MET B 323 -7.43 -40.56 -29.08
C MET B 323 -6.90 -41.58 -30.07
N VAL B 324 -5.59 -41.58 -30.32
CA VAL B 324 -5.00 -42.58 -31.20
C VAL B 324 -5.17 -43.97 -30.60
N LEU B 325 -4.94 -44.10 -29.29
CA LEU B 325 -5.14 -45.39 -28.63
C LEU B 325 -6.60 -45.84 -28.72
N ALA B 326 -7.53 -44.91 -28.51
CA ALA B 326 -8.95 -45.26 -28.61
C ALA B 326 -9.30 -45.70 -30.02
N SER B 327 -8.77 -45.00 -31.03
CA SER B 327 -9.04 -45.39 -32.42
C SER B 327 -8.46 -46.77 -32.72
N GLN B 328 -7.25 -47.05 -32.23
CA GLN B 328 -6.65 -48.36 -32.45
C GLN B 328 -7.48 -49.46 -31.80
N GLY B 329 -8.03 -49.18 -30.62
CA GLY B 329 -8.95 -50.12 -30.00
C GLY B 329 -10.23 -50.30 -30.80
N ILE B 330 -10.72 -49.20 -31.39
CA ILE B 330 -11.96 -49.26 -32.17
C ILE B 330 -11.78 -50.13 -33.41
N VAL B 331 -10.65 -49.97 -34.10
CA VAL B 331 -10.44 -50.68 -35.36
C VAL B 331 -10.52 -52.18 -35.16
N ALA B 332 -9.95 -52.69 -34.06
CA ALA B 332 -10.01 -54.11 -33.79
C ALA B 332 -11.40 -54.58 -33.40
N GLY B 333 -12.33 -53.66 -33.15
CA GLY B 333 -13.68 -54.04 -32.74
C GLY B 333 -13.83 -54.38 -31.27
N THR B 334 -12.79 -54.16 -30.47
CA THR B 334 -12.88 -54.48 -29.05
C THR B 334 -13.91 -53.61 -28.34
N LEU B 335 -13.96 -52.32 -28.68
CA LEU B 335 -14.89 -51.39 -28.08
C LEU B 335 -15.58 -50.57 -29.17
N THR B 336 -16.78 -50.11 -28.86
CA THR B 336 -17.65 -49.51 -29.86
C THR B 336 -17.15 -48.14 -30.29
N VAL B 337 -17.57 -47.73 -31.48
CA VAL B 337 -17.27 -46.40 -32.00
C VAL B 337 -17.99 -45.36 -31.14
N GLY B 338 -17.45 -44.15 -31.11
CA GLY B 338 -17.98 -43.12 -30.25
C GLY B 338 -17.48 -43.16 -28.83
N ASP B 339 -16.47 -43.99 -28.54
CA ASP B 339 -15.87 -44.06 -27.22
C ASP B 339 -14.62 -43.19 -27.11
N LEU B 340 -14.10 -42.68 -28.23
CA LEU B 340 -12.96 -41.78 -28.17
C LEU B 340 -13.38 -40.38 -27.72
N VAL B 341 -14.59 -39.95 -28.09
CA VAL B 341 -15.01 -38.60 -27.76
C VAL B 341 -15.21 -38.45 -26.25
N MET B 342 -15.74 -39.48 -25.60
CA MET B 342 -15.90 -39.43 -24.15
C MET B 342 -14.57 -39.27 -23.44
N VAL B 343 -13.55 -40.04 -23.85
CA VAL B 343 -12.27 -39.96 -23.16
C VAL B 343 -11.58 -38.64 -23.47
N ASN B 344 -11.78 -38.12 -24.68
CA ASN B 344 -11.28 -36.79 -25.00
C ASN B 344 -11.87 -35.73 -24.07
N GLY B 345 -13.20 -35.71 -23.97
CA GLY B 345 -13.84 -34.73 -23.10
C GLY B 345 -13.49 -34.91 -21.65
N LEU B 346 -13.36 -36.16 -21.21
CA LEU B 346 -13.01 -36.45 -19.82
C LEU B 346 -11.61 -35.95 -19.49
N LEU B 347 -10.64 -36.22 -20.38
CA LEU B 347 -9.28 -35.73 -20.13
C LEU B 347 -9.25 -34.21 -20.15
N PHE B 348 -10.02 -33.59 -21.06
CA PHE B 348 -9.99 -32.13 -21.12
C PHE B 348 -10.59 -31.50 -19.86
N GLN B 349 -11.71 -32.05 -19.38
CA GLN B 349 -12.29 -31.52 -18.15
C GLN B 349 -11.39 -31.81 -16.96
N LEU B 350 -10.59 -32.87 -17.02
CA LEU B 350 -9.54 -33.05 -16.02
C LEU B 350 -8.50 -31.93 -16.11
N SER B 351 -8.14 -31.54 -17.33
CA SER B 351 -7.09 -30.54 -17.54
C SER B 351 -7.54 -29.11 -17.24
N LEU B 352 -8.85 -28.86 -17.19
CA LEU B 352 -9.37 -27.49 -17.09
C LEU B 352 -8.78 -26.64 -15.97
N PRO B 353 -8.72 -27.07 -14.70
CA PRO B 353 -8.42 -26.13 -13.62
C PRO B 353 -6.93 -25.91 -13.34
N LEU B 354 -6.03 -26.45 -14.16
CA LEU B 354 -4.62 -26.45 -13.81
C LEU B 354 -3.95 -25.09 -14.03
N ASN B 355 -4.60 -24.15 -14.70
CA ASN B 355 -4.11 -22.78 -14.75
C ASN B 355 -4.66 -21.93 -13.61
N PHE B 356 -5.91 -22.16 -13.19
CA PHE B 356 -6.39 -21.57 -11.95
C PHE B 356 -5.49 -21.97 -10.79
N LEU B 357 -5.05 -23.24 -10.79
CA LEU B 357 -4.14 -23.71 -9.75
C LEU B 357 -2.90 -22.83 -9.66
N GLY B 358 -2.24 -22.58 -10.79
CA GLY B 358 -1.04 -21.75 -10.76
C GLY B 358 -1.33 -20.30 -10.38
N THR B 359 -2.41 -19.73 -10.95
CA THR B 359 -2.70 -18.33 -10.67
C THR B 359 -3.09 -18.09 -9.22
N VAL B 360 -3.53 -19.13 -8.50
CA VAL B 360 -3.78 -18.95 -7.08
C VAL B 360 -2.55 -19.33 -6.25
N TYR B 361 -1.71 -20.24 -6.74
CA TYR B 361 -0.47 -20.56 -6.05
C TYR B 361 0.51 -19.39 -6.10
N ARG B 362 0.31 -18.46 -7.03
CA ARG B 362 1.23 -17.33 -7.18
C ARG B 362 1.46 -16.59 -5.86
N GLU B 363 0.42 -16.41 -5.04
CA GLU B 363 0.52 -15.64 -3.81
C GLU B 363 0.39 -16.47 -2.55
N THR B 364 0.33 -17.79 -2.67
CA THR B 364 0.26 -18.65 -1.48
C THR B 364 1.53 -18.52 -0.64
N ARG B 365 2.68 -18.34 -1.28
CA ARG B 365 3.92 -18.15 -0.54
C ARG B 365 3.88 -16.88 0.28
N GLN B 366 3.36 -15.79 -0.29
CA GLN B 366 3.24 -14.54 0.46
C GLN B 366 2.26 -14.69 1.62
N ALA B 367 1.15 -15.40 1.39
CA ALA B 367 0.20 -15.64 2.47
C ALA B 367 0.85 -16.44 3.60
N LEU B 368 1.65 -17.46 3.25
CA LEU B 368 2.35 -18.24 4.27
C LEU B 368 3.37 -17.38 5.01
N ILE B 369 4.04 -16.47 4.31
CA ILE B 369 4.99 -15.58 4.97
C ILE B 369 4.28 -14.70 5.98
N ASP B 370 3.12 -14.15 5.59
CA ASP B 370 2.35 -13.33 6.53
C ASP B 370 1.90 -14.15 7.74
N MET B 371 1.47 -15.39 7.50
CA MET B 371 1.09 -16.26 8.61
C MET B 371 2.27 -16.52 9.53
N ASN B 372 3.46 -16.74 8.97
CA ASN B 372 4.65 -16.94 9.78
C ASN B 372 4.96 -15.71 10.62
N THR B 373 4.83 -14.52 10.03
CA THR B 373 5.06 -13.29 10.79
C THR B 373 4.08 -13.17 11.94
N LEU B 374 2.80 -13.47 11.70
CA LEU B 374 1.81 -13.42 12.77
C LEU B 374 2.14 -14.44 13.86
N PHE B 375 2.57 -15.64 13.47
CA PHE B 375 2.90 -16.65 14.46
C PHE B 375 4.09 -16.22 15.31
N THR B 376 5.11 -15.63 14.68
CA THR B 376 6.24 -15.11 15.44
C THR B 376 5.81 -14.03 16.42
N LEU B 377 4.97 -13.10 15.96
CA LEU B 377 4.49 -12.03 16.83
C LEU B 377 3.70 -12.60 18.01
N LEU B 378 2.89 -13.63 17.76
CA LEU B 378 2.20 -14.31 18.85
C LEU B 378 3.19 -15.00 19.79
N LYS B 379 4.32 -15.47 19.26
CA LYS B 379 5.31 -16.15 20.06
C LYS B 379 6.29 -15.20 20.75
N VAL B 380 6.16 -13.89 20.53
CA VAL B 380 6.95 -12.91 21.29
C VAL B 380 6.34 -12.78 22.68
N ASP B 381 5.31 -13.57 22.97
CA ASP B 381 4.55 -13.48 24.22
C ASP B 381 5.25 -14.18 25.38
N THR B 382 6.57 -14.41 25.29
CA THR B 382 7.29 -15.04 26.39
C THR B 382 7.28 -14.18 27.66
N GLN B 383 7.04 -12.87 27.53
CA GLN B 383 6.99 -11.98 28.69
C GLN B 383 5.62 -12.07 29.34
N ILE B 384 5.58 -12.60 30.56
CA ILE B 384 4.32 -12.75 31.29
C ILE B 384 4.53 -12.34 32.74
N LYS B 385 4.05 -11.16 33.12
CA LYS B 385 4.20 -10.67 34.48
C LYS B 385 3.27 -11.37 35.46
N ASP B 386 2.23 -12.04 34.97
CA ASP B 386 1.28 -12.71 35.86
C ASP B 386 1.95 -13.87 36.57
N LYS B 387 1.64 -14.03 37.86
CA LYS B 387 2.19 -15.09 38.69
C LYS B 387 1.11 -16.13 38.97
N VAL B 388 1.50 -17.17 39.70
CA VAL B 388 0.60 -18.26 40.04
C VAL B 388 0.11 -18.06 41.47
N MET B 389 -0.91 -18.83 41.85
CA MET B 389 -1.51 -18.76 43.19
C MET B 389 -2.02 -17.35 43.47
N ALA B 390 -3.00 -16.94 42.67
CA ALA B 390 -3.57 -15.59 42.78
C ALA B 390 -4.44 -15.45 44.00
N SER B 391 -3.85 -14.99 45.11
CA SER B 391 -4.60 -14.77 46.33
C SER B 391 -5.42 -13.48 46.25
N PRO B 392 -6.54 -13.41 46.96
CA PRO B 392 -7.34 -12.18 46.95
C PRO B 392 -6.63 -11.06 47.71
N LEU B 393 -7.01 -9.83 47.37
CA LEU B 393 -6.41 -8.62 47.95
C LEU B 393 -7.38 -8.07 48.99
N GLN B 394 -6.94 -8.08 50.25
CA GLN B 394 -7.72 -7.49 51.33
C GLN B 394 -7.48 -5.98 51.36
N ILE B 395 -8.53 -5.20 51.09
CA ILE B 395 -8.41 -3.75 51.00
C ILE B 395 -9.52 -3.11 51.81
N THR B 396 -9.25 -1.90 52.28
CA THR B 396 -10.22 -1.10 53.04
C THR B 396 -9.78 0.36 52.95
N PRO B 397 -10.70 1.30 53.17
CA PRO B 397 -10.29 2.72 53.19
C PRO B 397 -9.20 3.01 54.21
N GLN B 398 -9.21 2.35 55.36
CA GLN B 398 -8.13 2.49 56.32
C GLN B 398 -6.95 1.61 55.91
N THR B 399 -5.92 1.58 56.77
CA THR B 399 -4.72 0.78 56.56
C THR B 399 -4.15 1.14 55.18
N ALA B 400 -3.82 0.16 54.32
CA ALA B 400 -3.34 0.41 52.97
C ALA B 400 -2.13 1.33 52.95
N THR B 401 -1.23 1.18 53.91
CA THR B 401 -0.04 2.03 54.00
C THR B 401 0.97 1.61 52.94
N VAL B 402 0.98 2.31 51.80
CA VAL B 402 1.91 1.99 50.74
C VAL B 402 3.32 2.36 51.17
N ALA B 403 4.25 1.43 51.00
CA ALA B 403 5.64 1.65 51.40
C ALA B 403 6.55 0.81 50.53
N PHE B 404 7.85 1.09 50.63
CA PHE B 404 8.87 0.37 49.88
C PHE B 404 9.90 -0.21 50.85
N ASP B 405 10.75 -1.09 50.32
CA ASP B 405 11.85 -1.66 51.09
C ASP B 405 13.01 -1.90 50.13
N ASN B 406 13.95 -0.96 50.10
CA ASN B 406 15.18 -1.07 49.31
C ASN B 406 14.88 -1.34 47.84
N VAL B 407 14.19 -0.39 47.22
CA VAL B 407 13.81 -0.52 45.82
C VAL B 407 14.98 -0.11 44.94
N HIS B 408 15.38 -1.02 44.05
CA HIS B 408 16.38 -0.77 43.00
C HIS B 408 15.84 -1.34 41.71
N PHE B 409 15.88 -0.56 40.63
CA PHE B 409 15.42 -1.06 39.34
C PHE B 409 16.09 -0.27 38.22
N GLU B 410 16.34 -0.95 37.11
CA GLU B 410 17.04 -0.38 35.96
C GLU B 410 16.23 -0.62 34.70
N TYR B 411 15.77 0.46 34.06
CA TYR B 411 15.13 0.31 32.74
C TYR B 411 16.11 -0.16 31.69
N ILE B 412 17.26 0.50 31.59
CA ILE B 412 18.28 0.14 30.62
C ILE B 412 19.28 -0.79 31.31
N GLU B 413 19.60 -1.90 30.64
CA GLU B 413 20.47 -2.91 31.22
C GLU B 413 21.81 -2.31 31.61
N GLY B 414 22.08 -2.29 32.91
CA GLY B 414 23.30 -1.72 33.44
C GLY B 414 23.23 -0.25 33.80
N GLN B 415 22.13 0.42 33.52
CA GLN B 415 21.96 1.84 33.84
C GLN B 415 21.02 1.97 35.04
N LYS B 416 21.57 2.33 36.19
CA LYS B 416 20.81 2.42 37.43
C LYS B 416 19.96 3.69 37.39
N VAL B 417 18.77 3.58 36.78
CA VAL B 417 17.85 4.71 36.74
C VAL B 417 17.29 4.99 38.13
N LEU B 418 16.90 3.93 38.85
CA LEU B 418 16.35 4.07 40.19
C LEU B 418 17.05 3.10 41.12
N SER B 419 17.41 3.56 42.31
CA SER B 419 18.10 2.73 43.27
C SER B 419 17.92 3.30 44.67
N GLY B 420 17.80 2.40 45.64
CA GLY B 420 17.73 2.78 47.04
C GLY B 420 16.55 3.65 47.40
N ILE B 421 15.35 3.28 46.93
CA ILE B 421 14.15 4.05 47.17
C ILE B 421 13.29 3.34 48.20
N SER B 422 12.87 4.06 49.24
CA SER B 422 12.01 3.50 50.27
C SER B 422 11.19 4.64 50.87
N PHE B 423 9.89 4.63 50.59
CA PHE B 423 8.97 5.65 51.10
C PHE B 423 8.11 5.10 52.22
N GLU B 424 7.31 5.97 52.81
CA GLU B 424 6.39 5.58 53.88
C GLU B 424 5.21 6.54 53.85
N VAL B 425 4.07 6.05 53.39
CA VAL B 425 2.86 6.86 53.22
C VAL B 425 1.77 6.30 54.14
N PRO B 426 1.49 6.98 55.25
CA PRO B 426 0.37 6.55 56.10
C PRO B 426 -0.97 6.82 55.43
N ALA B 427 -1.99 6.15 55.96
CA ALA B 427 -3.33 6.27 55.40
C ALA B 427 -3.87 7.69 55.57
N GLY B 428 -4.50 8.20 54.50
CA GLY B 428 -5.15 9.49 54.53
C GLY B 428 -4.22 10.68 54.41
N LYS B 429 -2.92 10.46 54.23
CA LYS B 429 -1.95 11.54 54.16
C LYS B 429 -1.49 11.72 52.71
N LYS B 430 -1.47 12.97 52.26
CA LYS B 430 -1.04 13.30 50.91
C LYS B 430 0.48 13.48 50.91
N VAL B 431 1.17 12.71 50.07
CA VAL B 431 2.62 12.74 49.99
C VAL B 431 3.02 13.15 48.58
N ALA B 432 3.90 14.14 48.48
CA ALA B 432 4.35 14.66 47.19
C ALA B 432 5.85 14.47 47.06
N ILE B 433 6.28 14.03 45.88
CA ILE B 433 7.68 13.84 45.56
C ILE B 433 8.06 14.82 44.46
N VAL B 434 9.21 15.47 44.62
CA VAL B 434 9.68 16.48 43.68
C VAL B 434 11.12 16.16 43.29
N GLY B 435 11.42 16.27 42.00
CA GLY B 435 12.75 16.02 41.49
C GLY B 435 13.21 17.15 40.57
N GLY B 436 14.38 16.93 39.98
CA GLY B 436 14.96 17.89 39.06
C GLY B 436 14.41 17.76 37.66
N SER B 437 15.30 17.71 36.67
CA SER B 437 14.86 17.50 35.29
C SER B 437 14.11 16.18 35.15
N GLY B 438 14.48 15.18 35.95
CA GLY B 438 13.73 13.95 36.02
C GLY B 438 14.60 12.71 35.96
N SER B 439 14.53 11.89 37.00
CA SER B 439 15.21 10.59 37.03
C SER B 439 14.37 9.68 37.93
N GLY B 440 13.49 8.90 37.30
CA GLY B 440 12.61 8.02 38.04
C GLY B 440 11.35 8.65 38.59
N LYS B 441 11.00 9.87 38.14
CA LYS B 441 9.80 10.51 38.64
C LYS B 441 8.54 9.73 38.25
N SER B 442 8.47 9.27 36.99
CA SER B 442 7.39 8.42 36.55
C SER B 442 7.64 6.95 36.84
N THR B 443 8.85 6.61 37.29
CA THR B 443 9.15 5.22 37.62
C THR B 443 8.30 4.74 38.79
N ILE B 444 7.98 5.64 39.72
CA ILE B 444 7.10 5.28 40.83
C ILE B 444 5.72 4.88 40.30
N VAL B 445 5.18 5.69 39.38
CA VAL B 445 3.88 5.38 38.79
C VAL B 445 3.94 4.05 38.04
N ARG B 446 5.01 3.83 37.28
CA ARG B 446 5.14 2.57 36.55
C ARG B 446 5.22 1.37 37.48
N LEU B 447 5.95 1.51 38.58
CA LEU B 447 6.19 0.36 39.47
C LEU B 447 4.97 0.02 40.31
N LEU B 448 4.32 1.04 40.89
CA LEU B 448 3.19 0.76 41.79
C LEU B 448 2.03 0.11 41.04
N PHE B 449 1.91 0.32 39.75
CA PHE B 449 0.81 -0.27 39.00
C PHE B 449 1.18 -1.63 38.43
N ARG B 450 2.37 -2.13 38.78
CA ARG B 450 2.88 -3.44 38.35
C ARG B 450 3.02 -3.53 36.83
N PHE B 451 3.87 -2.65 36.29
CA PHE B 451 4.39 -2.81 34.95
C PHE B 451 5.78 -3.45 34.92
N TYR B 452 6.54 -3.33 36.00
CA TYR B 452 7.88 -3.89 36.07
C TYR B 452 8.12 -4.45 37.46
N GLU B 453 9.06 -5.39 37.54
CA GLU B 453 9.31 -6.11 38.78
C GLU B 453 10.52 -5.52 39.48
N PRO B 454 10.38 -5.03 40.70
CA PRO B 454 11.55 -4.54 41.45
C PRO B 454 12.34 -5.68 42.05
N GLN B 455 13.30 -6.21 41.29
CA GLN B 455 14.04 -7.40 41.69
C GLN B 455 14.73 -7.25 43.04
N LYS B 456 15.02 -6.02 43.46
CA LYS B 456 15.57 -5.76 44.79
C LYS B 456 14.51 -5.11 45.66
N GLY B 457 14.50 -5.49 46.93
CA GLY B 457 13.54 -4.95 47.86
C GLY B 457 12.13 -5.49 47.64
N SER B 458 11.15 -4.77 48.16
CA SER B 458 9.77 -5.19 48.06
C SER B 458 8.86 -3.97 48.19
N ILE B 459 7.59 -4.16 47.86
CA ILE B 459 6.57 -3.13 47.94
C ILE B 459 5.47 -3.62 48.87
N TYR B 460 5.04 -2.77 49.79
CA TYR B 460 4.03 -3.12 50.77
C TYR B 460 2.77 -2.29 50.55
N LEU B 461 1.62 -2.97 50.54
CA LEU B 461 0.33 -2.30 50.40
C LEU B 461 -0.65 -3.02 51.32
N ALA B 462 -0.99 -2.37 52.43
CA ALA B 462 -1.82 -2.98 53.48
C ALA B 462 -1.21 -4.29 53.97
N GLY B 463 0.12 -4.33 54.02
CA GLY B 463 0.83 -5.53 54.42
C GLY B 463 0.87 -6.62 53.37
N GLN B 464 0.44 -6.34 52.15
CA GLN B 464 0.40 -7.33 51.08
C GLN B 464 1.39 -6.95 49.99
N ASN B 465 2.26 -7.88 49.62
CA ASN B 465 3.18 -7.65 48.53
C ASN B 465 2.44 -7.59 47.20
N ILE B 466 2.91 -6.71 46.31
CA ILE B 466 2.28 -6.57 45.01
C ILE B 466 2.43 -7.84 44.20
N GLN B 467 3.61 -8.47 44.27
CA GLN B 467 3.90 -9.64 43.45
C GLN B 467 3.26 -10.92 43.98
N ASP B 468 2.66 -10.90 45.16
CA ASP B 468 2.08 -12.10 45.77
C ASP B 468 0.56 -12.08 45.77
N VAL B 469 -0.06 -11.19 44.99
CA VAL B 469 -1.51 -11.01 44.99
C VAL B 469 -2.00 -11.04 43.54
N SER B 470 -3.28 -11.41 43.39
CA SER B 470 -3.91 -11.43 42.07
C SER B 470 -3.82 -10.06 41.40
N LEU B 471 -3.60 -10.08 40.08
CA LEU B 471 -3.17 -8.88 39.38
C LEU B 471 -4.29 -7.87 39.18
N GLU B 472 -5.34 -8.25 38.44
CA GLU B 472 -6.27 -7.25 37.94
C GLU B 472 -7.07 -6.64 39.09
N SER B 473 -7.25 -7.39 40.18
CA SER B 473 -7.85 -6.81 41.38
C SER B 473 -6.97 -5.71 41.96
N LEU B 474 -5.65 -5.90 41.96
CA LEU B 474 -4.74 -4.84 42.36
C LEU B 474 -4.84 -3.66 41.40
N ARG B 475 -4.99 -3.95 40.10
CA ARG B 475 -5.18 -2.88 39.13
C ARG B 475 -6.43 -2.08 39.42
N ARG B 476 -7.51 -2.76 39.79
CA ARG B 476 -8.78 -2.09 40.09
C ARG B 476 -8.71 -1.33 41.41
N ALA B 477 -7.88 -1.77 42.36
CA ALA B 477 -7.82 -1.11 43.66
C ALA B 477 -7.23 0.29 43.55
N VAL B 478 -6.14 0.44 42.80
CA VAL B 478 -5.41 1.70 42.74
C VAL B 478 -5.71 2.39 41.42
N GLY B 479 -5.99 3.70 41.47
CA GLY B 479 -6.25 4.50 40.29
C GLY B 479 -5.10 5.47 40.05
N VAL B 480 -4.88 5.80 38.78
CA VAL B 480 -3.78 6.67 38.38
C VAL B 480 -4.30 7.77 37.48
N VAL B 481 -3.81 9.00 37.72
CA VAL B 481 -3.98 10.11 36.81
C VAL B 481 -2.68 10.24 36.03
N PRO B 482 -2.67 9.96 34.73
CA PRO B 482 -1.39 9.78 34.03
C PRO B 482 -0.71 11.10 33.70
N GLN B 483 0.58 11.00 33.36
CA GLN B 483 1.36 12.17 32.97
C GLN B 483 0.76 12.70 31.69
N ASP B 484 0.70 11.84 30.67
CA ASP B 484 0.10 12.22 29.40
C ASP B 484 -1.35 11.75 29.36
N ALA B 485 -2.01 11.91 28.21
CA ALA B 485 -3.40 11.49 28.08
C ALA B 485 -3.69 11.13 26.63
N VAL B 486 -4.48 10.07 26.45
CA VAL B 486 -4.97 9.68 25.14
C VAL B 486 -6.47 9.40 25.27
N LEU B 487 -7.24 9.79 24.25
CA LEU B 487 -8.69 9.70 24.28
C LEU B 487 -9.17 8.82 23.15
N PHE B 488 -10.16 7.98 23.43
CA PHE B 488 -10.76 7.13 22.40
C PHE B 488 -11.50 7.99 21.38
N HIS B 489 -11.48 7.54 20.13
CA HIS B 489 -12.16 8.24 19.05
C HIS B 489 -13.66 7.96 19.13
N ASN B 490 -14.27 8.54 20.17
CA ASN B 490 -15.70 8.39 20.42
C ASN B 490 -16.22 9.72 20.98
N THR B 491 -17.44 9.70 21.49
CA THR B 491 -18.00 10.88 22.12
C THR B 491 -17.36 11.13 23.47
N ILE B 492 -17.53 12.37 23.97
CA ILE B 492 -17.03 12.71 25.30
C ILE B 492 -17.73 11.86 26.36
N TYR B 493 -19.02 11.59 26.18
CA TYR B 493 -19.74 10.79 27.16
C TYR B 493 -19.15 9.40 27.29
N TYR B 494 -18.76 8.79 26.17
CA TYR B 494 -18.13 7.46 26.22
C TYR B 494 -16.80 7.51 26.94
N ASN B 495 -15.98 8.54 26.68
CA ASN B 495 -14.70 8.64 27.37
C ASN B 495 -14.89 8.83 28.87
N LEU B 496 -15.88 9.62 29.26
CA LEU B 496 -16.19 9.77 30.69
C LEU B 496 -16.66 8.44 31.28
N LEU B 497 -17.52 7.72 30.57
CA LEU B 497 -18.06 6.46 31.08
C LEU B 497 -17.00 5.37 31.11
N TYR B 498 -15.92 5.51 30.35
CA TYR B 498 -14.87 4.49 30.32
C TYR B 498 -14.26 4.23 31.70
N GLY B 499 -14.37 5.18 32.62
CA GLY B 499 -13.84 4.95 33.96
C GLY B 499 -14.56 3.82 34.68
N ASN B 500 -15.89 3.79 34.58
CA ASN B 500 -16.69 2.75 35.21
C ASN B 500 -17.80 2.37 34.23
N ILE B 501 -17.76 1.11 33.76
CA ILE B 501 -18.70 0.67 32.74
C ILE B 501 -20.10 0.56 33.32
N SER B 502 -20.22 -0.03 34.50
CA SER B 502 -21.52 -0.30 35.12
C SER B 502 -22.00 0.86 35.99
N ALA B 503 -21.52 2.06 35.75
CA ALA B 503 -21.93 3.23 36.50
C ALA B 503 -23.17 3.86 35.88
N SER B 504 -24.05 4.39 36.73
CA SER B 504 -25.24 5.06 36.24
C SER B 504 -24.85 6.37 35.54
N PRO B 505 -25.57 6.75 34.49
CA PRO B 505 -25.26 8.02 33.81
C PRO B 505 -25.34 9.24 34.72
N GLU B 506 -26.24 9.22 35.69
CA GLU B 506 -26.35 10.34 36.63
C GLU B 506 -25.06 10.52 37.41
N GLU B 507 -24.46 9.42 37.85
CA GLU B 507 -23.17 9.50 38.52
C GLU B 507 -22.11 10.07 37.60
N VAL B 508 -22.16 9.71 36.31
CA VAL B 508 -21.19 10.25 35.35
C VAL B 508 -21.34 11.75 35.23
N TYR B 509 -22.58 12.23 35.13
CA TYR B 509 -22.81 13.66 35.01
C TYR B 509 -22.36 14.39 36.28
N ALA B 510 -22.65 13.81 37.44
CA ALA B 510 -22.22 14.43 38.70
C ALA B 510 -20.70 14.50 38.79
N VAL B 511 -20.01 13.43 38.38
CA VAL B 511 -18.56 13.40 38.40
C VAL B 511 -17.99 14.46 37.45
N ALA B 512 -18.57 14.55 36.25
CA ALA B 512 -18.09 15.54 35.29
C ALA B 512 -18.29 16.95 35.80
N LYS B 513 -19.43 17.22 36.44
CA LYS B 513 -19.65 18.54 37.03
C LYS B 513 -18.66 18.81 38.16
N LEU B 514 -18.37 17.79 38.97
CA LEU B 514 -17.42 17.96 40.06
C LEU B 514 -16.02 18.24 39.54
N ALA B 515 -15.69 17.74 38.36
CA ALA B 515 -14.34 17.89 37.79
C ALA B 515 -14.09 19.28 37.23
N GLY B 516 -15.09 20.16 37.22
CA GLY B 516 -14.93 21.46 36.62
C GLY B 516 -14.77 21.42 35.12
N LEU B 517 -15.52 20.55 34.45
CA LEU B 517 -15.45 20.38 33.00
C LEU B 517 -16.78 20.60 32.29
N HIS B 518 -17.90 20.54 33.01
CA HIS B 518 -19.20 20.69 32.37
C HIS B 518 -19.36 22.05 31.70
N ASP B 519 -18.68 23.08 32.21
CA ASP B 519 -18.73 24.37 31.55
C ASP B 519 -18.09 24.31 30.17
N ALA B 520 -16.94 23.64 30.06
CA ALA B 520 -16.34 23.44 28.75
C ALA B 520 -17.19 22.54 27.87
N ILE B 521 -17.93 21.62 28.48
CA ILE B 521 -18.82 20.75 27.71
C ILE B 521 -19.95 21.56 27.08
N LEU B 522 -20.57 22.44 27.87
CA LEU B 522 -21.62 23.29 27.32
C LEU B 522 -21.06 24.36 26.38
N ARG B 523 -19.80 24.72 26.52
CA ARG B 523 -19.13 25.60 25.57
C ARG B 523 -18.66 24.87 24.32
N MET B 524 -18.71 23.54 24.31
CA MET B 524 -18.31 22.77 23.15
C MET B 524 -19.33 22.93 22.02
N PRO B 525 -18.94 22.65 20.78
CA PRO B 525 -19.90 22.78 19.67
C PRO B 525 -21.15 21.95 19.85
N HIS B 526 -21.05 20.74 20.41
CA HIS B 526 -22.20 19.89 20.64
C HIS B 526 -22.44 19.62 22.11
N GLY B 527 -21.43 19.16 22.84
CA GLY B 527 -21.60 18.88 24.26
C GLY B 527 -21.19 17.47 24.64
N TYR B 528 -22.13 16.70 25.20
CA TYR B 528 -21.84 15.32 25.55
C TYR B 528 -21.53 14.48 24.32
N ASP B 529 -22.27 14.71 23.23
CA ASP B 529 -22.20 13.85 22.06
C ASP B 529 -21.20 14.33 21.02
N THR B 530 -20.44 15.37 21.30
CA THR B 530 -19.45 15.84 20.33
C THR B 530 -18.37 14.79 20.11
N GLN B 531 -17.89 14.73 18.87
CA GLN B 531 -16.91 13.73 18.48
C GLN B 531 -15.50 14.25 18.74
N VAL B 532 -14.77 13.57 19.62
CA VAL B 532 -13.40 13.92 19.95
C VAL B 532 -12.53 12.68 19.74
N GLY B 533 -11.45 12.87 19.01
CA GLY B 533 -10.50 11.80 18.75
C GLY B 533 -9.34 12.35 17.96
N GLU B 534 -8.50 11.45 17.46
CA GLU B 534 -7.37 11.84 16.63
C GLU B 534 -7.94 12.48 15.39
N ARG B 535 -8.95 11.85 14.81
CA ARG B 535 -9.61 12.39 13.62
C ARG B 535 -10.74 13.34 13.96
N GLY B 536 -11.08 13.51 15.24
CA GLY B 536 -12.07 14.47 15.68
C GLY B 536 -11.46 15.85 15.92
N LEU B 537 -12.23 16.69 16.58
CA LEU B 537 -11.75 18.03 16.90
C LEU B 537 -10.64 17.95 17.94
N LYS B 538 -9.60 18.75 17.74
CA LYS B 538 -8.46 18.76 18.64
C LYS B 538 -8.78 19.50 19.94
N LEU B 539 -8.11 19.09 21.01
CA LEU B 539 -8.26 19.72 22.31
C LEU B 539 -6.89 19.95 22.92
N SER B 540 -6.81 20.96 23.78
CA SER B 540 -5.55 21.27 24.46
C SER B 540 -5.35 20.34 25.66
N GLY B 541 -4.24 20.54 26.36
CA GLY B 541 -3.90 19.67 27.47
C GLY B 541 -4.87 19.76 28.64
N GLY B 542 -5.42 20.96 28.89
CA GLY B 542 -6.27 21.14 30.05
C GLY B 542 -7.51 20.26 30.02
N GLU B 543 -8.16 20.17 28.85
CA GLU B 543 -9.34 19.31 28.74
C GLU B 543 -8.99 17.85 28.98
N LYS B 544 -7.83 17.42 28.48
CA LYS B 544 -7.40 16.05 28.69
C LYS B 544 -7.14 15.78 30.18
N GLN B 545 -6.53 16.74 30.87
CA GLN B 545 -6.33 16.60 32.31
C GLN B 545 -7.66 16.51 33.05
N ARG B 546 -8.62 17.36 32.68
CA ARG B 546 -9.93 17.29 33.31
C ARG B 546 -10.60 15.94 33.06
N VAL B 547 -10.47 15.42 31.84
CA VAL B 547 -11.05 14.11 31.52
C VAL B 547 -10.41 13.02 32.35
N ALA B 548 -9.08 13.06 32.49
CA ALA B 548 -8.39 12.05 33.28
C ALA B 548 -8.81 12.13 34.76
N ILE B 549 -8.92 13.34 35.30
CA ILE B 549 -9.35 13.48 36.69
C ILE B 549 -10.76 12.96 36.88
N ALA B 550 -11.66 13.27 35.94
CA ALA B 550 -13.03 12.79 36.04
C ALA B 550 -13.09 11.28 35.94
N ARG B 551 -12.29 10.68 35.07
CA ARG B 551 -12.24 9.23 34.98
C ARG B 551 -11.75 8.62 36.30
N ALA B 552 -10.74 9.23 36.90
CA ALA B 552 -10.26 8.74 38.19
C ALA B 552 -11.34 8.84 39.26
N ILE B 553 -12.11 9.93 39.25
CA ILE B 553 -13.21 10.06 40.20
C ILE B 553 -14.25 8.98 39.96
N LEU B 554 -14.60 8.74 38.70
CA LEU B 554 -15.61 7.72 38.40
C LEU B 554 -15.16 6.34 38.83
N LYS B 555 -13.86 6.04 38.66
CA LYS B 555 -13.34 4.77 39.13
C LYS B 555 -13.46 4.64 40.64
N ASP B 556 -13.26 5.74 41.36
CA ASP B 556 -13.34 5.81 42.82
C ASP B 556 -12.38 4.81 43.48
N PRO B 557 -11.08 5.01 43.39
CA PRO B 557 -10.14 4.09 44.01
C PRO B 557 -9.76 4.56 45.40
N PRO B 558 -9.57 3.64 46.35
CA PRO B 558 -9.07 4.03 47.67
C PRO B 558 -7.69 4.67 47.62
N VAL B 559 -6.85 4.26 46.67
CA VAL B 559 -5.50 4.80 46.51
C VAL B 559 -5.42 5.47 45.14
N ILE B 560 -4.94 6.72 45.12
CA ILE B 560 -4.84 7.50 43.89
C ILE B 560 -3.40 7.98 43.71
N LEU B 561 -2.88 7.84 42.50
CA LEU B 561 -1.54 8.28 42.15
C LEU B 561 -1.67 9.33 41.04
N TYR B 562 -1.52 10.60 41.40
CA TYR B 562 -1.68 11.69 40.44
C TYR B 562 -0.30 12.12 39.95
N ASP B 563 0.07 11.68 38.75
CA ASP B 563 1.32 12.07 38.12
C ASP B 563 1.03 13.25 37.19
N GLU B 564 1.08 14.44 37.77
CA GLU B 564 0.79 15.65 37.00
C GLU B 564 1.83 15.84 35.91
N ALA B 565 1.40 16.34 34.76
CA ALA B 565 2.28 16.48 33.61
C ALA B 565 3.38 17.50 33.88
N THR B 566 4.55 17.23 33.31
CA THR B 566 5.66 18.18 33.42
C THR B 566 5.34 19.48 32.69
N SER B 567 4.69 19.38 31.53
CA SER B 567 4.30 20.57 30.79
C SER B 567 3.30 21.40 31.58
N SER B 568 3.51 22.70 31.60
CA SER B 568 2.66 23.62 32.33
C SER B 568 1.41 23.97 31.52
N LEU B 569 0.48 24.68 32.16
CA LEU B 569 -0.76 25.11 31.53
C LEU B 569 -1.11 26.48 32.09
N ASP B 570 -2.35 26.90 31.85
CA ASP B 570 -2.82 28.17 32.37
C ASP B 570 -2.85 28.15 33.89
N SER B 571 -2.57 29.30 34.50
CA SER B 571 -2.52 29.39 35.96
C SER B 571 -3.87 29.07 36.57
N ILE B 572 -4.93 29.70 36.05
CA ILE B 572 -6.27 29.47 36.60
C ILE B 572 -6.65 28.01 36.50
N THR B 573 -6.31 27.37 35.38
CA THR B 573 -6.50 25.93 35.26
C THR B 573 -5.70 25.19 36.32
N GLU B 574 -4.52 25.69 36.67
CA GLU B 574 -3.71 25.05 37.70
C GLU B 574 -4.39 25.12 39.06
N GLU B 575 -4.93 26.28 39.44
CA GLU B 575 -5.65 26.33 40.72
C GLU B 575 -6.91 25.48 40.69
N THR B 576 -7.62 25.44 39.55
CA THR B 576 -8.81 24.60 39.48
C THR B 576 -8.47 23.13 39.65
N ILE B 577 -7.41 22.65 39.00
CA ILE B 577 -7.04 21.25 39.13
C ILE B 577 -6.48 20.98 40.52
N LEU B 578 -5.83 21.97 41.14
CA LEU B 578 -5.40 21.80 42.52
C LEU B 578 -6.57 21.64 43.46
N GLY B 579 -7.61 22.45 43.29
CA GLY B 579 -8.82 22.30 44.09
C GLY B 579 -9.49 20.97 43.86
N ALA B 580 -9.55 20.53 42.60
CA ALA B 580 -10.13 19.23 42.29
C ALA B 580 -9.35 18.11 42.97
N MET B 581 -8.02 18.18 42.92
CA MET B 581 -7.20 17.15 43.57
C MET B 581 -7.40 17.18 45.08
N LYS B 582 -7.50 18.37 45.66
CA LYS B 582 -7.77 18.47 47.10
C LYS B 582 -9.11 17.83 47.44
N ASP B 583 -10.10 17.98 46.57
CA ASP B 583 -11.36 17.27 46.75
C ASP B 583 -11.15 15.76 46.63
N VAL B 584 -10.28 15.33 45.73
CA VAL B 584 -10.01 13.90 45.56
C VAL B 584 -9.42 13.30 46.82
N VAL B 585 -8.46 13.99 47.43
CA VAL B 585 -7.68 13.41 48.53
C VAL B 585 -8.54 13.06 49.74
N LYS B 586 -9.71 13.70 49.89
CA LYS B 586 -10.53 13.56 51.08
C LYS B 586 -10.77 12.11 51.46
N HIS B 587 -10.25 11.73 52.63
CA HIS B 587 -10.43 10.40 53.22
C HIS B 587 -9.95 9.29 52.28
N ARG B 588 -8.71 9.43 51.83
CA ARG B 588 -8.07 8.42 51.00
C ARG B 588 -6.59 8.75 50.90
N THR B 589 -5.83 7.83 50.30
CA THR B 589 -4.39 7.99 50.14
C THR B 589 -4.08 8.49 48.74
N SER B 590 -3.24 9.52 48.67
CA SER B 590 -2.87 10.17 47.42
C SER B 590 -1.36 10.31 47.34
N ILE B 591 -0.81 9.99 46.16
CA ILE B 591 0.61 10.16 45.87
C ILE B 591 0.72 11.15 44.73
N PHE B 592 1.28 12.32 45.01
CA PHE B 592 1.34 13.41 44.04
C PHE B 592 2.74 13.51 43.44
N ILE B 593 2.79 13.75 42.13
CA ILE B 593 4.05 14.02 41.44
C ILE B 593 3.91 15.36 40.72
N ALA B 594 4.78 16.30 41.05
CA ALA B 594 4.71 17.64 40.48
C ALA B 594 6.08 18.29 40.56
N HIS B 595 6.25 19.36 39.80
CA HIS B 595 7.50 20.11 39.75
C HIS B 595 7.35 21.55 40.23
N ARG B 596 6.17 21.94 40.70
CA ARG B 596 5.91 23.27 41.21
C ARG B 596 5.77 23.22 42.72
N LEU B 597 6.52 24.09 43.41
CA LEU B 597 6.50 24.07 44.87
C LEU B 597 5.14 24.46 45.42
N SER B 598 4.45 25.39 44.75
CA SER B 598 3.15 25.83 45.22
C SER B 598 2.12 24.71 45.18
N THR B 599 2.32 23.71 44.32
CA THR B 599 1.38 22.60 44.23
C THR B 599 1.59 21.59 45.34
N VAL B 600 2.75 21.62 46.00
CA VAL B 600 3.11 20.61 46.99
C VAL B 600 3.23 21.18 48.40
N VAL B 601 2.88 22.45 48.60
CA VAL B 601 2.96 23.04 49.93
C VAL B 601 1.98 22.39 50.89
N ASP B 602 0.89 21.83 50.37
CA ASP B 602 -0.15 21.23 51.21
C ASP B 602 0.11 19.77 51.54
N ALA B 603 1.20 19.20 51.04
CA ALA B 603 1.50 17.80 51.32
C ALA B 603 1.87 17.61 52.78
N ASP B 604 1.45 16.47 53.34
CA ASP B 604 1.79 16.16 54.73
C ASP B 604 3.29 16.02 54.91
N GLU B 605 3.94 15.34 53.97
CA GLU B 605 5.40 15.24 53.94
C GLU B 605 5.85 15.21 52.49
N ILE B 606 6.96 15.90 52.22
CA ILE B 606 7.48 16.06 50.86
C ILE B 606 8.82 15.32 50.77
N ILE B 607 9.00 14.61 49.65
CA ILE B 607 10.20 13.82 49.41
C ILE B 607 10.92 14.40 48.20
N VAL B 608 12.20 14.70 48.37
CA VAL B 608 13.02 15.28 47.31
C VAL B 608 13.90 14.18 46.72
N LEU B 609 13.88 14.07 45.40
CA LEU B 609 14.67 13.08 44.68
C LEU B 609 15.85 13.77 44.00
N ASP B 610 17.06 13.28 44.27
CA ASP B 610 18.28 13.83 43.70
C ASP B 610 19.13 12.68 43.18
N GLN B 611 19.61 12.81 41.94
CA GLN B 611 20.40 11.79 41.23
C GLN B 611 19.90 10.38 41.51
N GLY B 612 18.59 10.18 41.33
CA GLY B 612 18.01 8.86 41.44
C GLY B 612 17.91 8.30 42.84
N LYS B 613 18.10 9.11 43.87
CA LYS B 613 18.07 8.65 45.25
C LYS B 613 17.24 9.61 46.08
N VAL B 614 16.75 9.11 47.21
CA VAL B 614 16.05 9.93 48.19
C VAL B 614 17.07 10.47 49.19
N ALA B 615 17.03 11.79 49.42
CA ALA B 615 17.98 12.41 50.32
C ALA B 615 17.29 13.29 51.35
N GLU B 616 16.17 13.89 50.96
CA GLU B 616 15.46 14.85 51.81
C GLU B 616 14.02 14.41 51.99
N ARG B 617 13.56 14.38 53.24
CA ARG B 617 12.18 14.06 53.56
C ARG B 617 11.71 14.99 54.68
N GLY B 618 10.43 15.26 54.70
CA GLY B 618 9.84 16.12 55.71
C GLY B 618 8.78 17.02 55.11
N THR B 619 8.38 18.02 55.88
CA THR B 619 7.33 18.94 55.47
C THR B 619 7.93 20.07 54.64
N HIS B 620 7.13 21.11 54.37
CA HIS B 620 7.59 22.24 53.58
C HIS B 620 8.62 23.09 54.33
N HIS B 621 8.76 22.90 55.64
CA HIS B 621 9.70 23.70 56.42
C HIS B 621 11.15 23.41 56.04
N GLY B 622 11.41 22.31 55.34
CA GLY B 622 12.77 21.99 54.95
C GLY B 622 13.32 22.80 53.79
N LEU B 623 12.47 23.55 53.11
CA LEU B 623 12.86 24.41 51.98
C LEU B 623 13.50 23.53 50.90
N LEU B 624 14.49 24.06 50.19
CA LEU B 624 15.15 23.32 49.13
C LEU B 624 16.55 23.87 48.88
PG ANP C . 13.90 34.45 5.99
O1G ANP C . 13.76 34.19 4.51
O2G ANP C . 15.09 35.31 6.34
O3G ANP C . 13.76 33.22 6.85
PB ANP C . 11.09 35.39 5.39
O1B ANP C . 10.66 33.95 5.23
O2B ANP C . 10.08 36.38 5.95
N3B ANP C . 12.51 35.44 6.39
PA ANP C . 10.96 35.15 2.60
O1A ANP C . 11.17 36.06 1.41
O2A ANP C . 11.55 33.77 2.61
O3A ANP C . 11.47 35.93 3.92
O5' ANP C . 9.37 35.03 2.87
C5' ANP C . 8.52 36.16 2.69
C4' ANP C . 7.14 35.87 3.26
O4' ANP C . 6.27 35.43 2.22
C3' ANP C . 7.20 34.79 4.33
O3' ANP C . 6.89 35.35 5.61
C2' ANP C . 6.19 33.72 3.89
O2' ANP C . 5.14 33.51 4.86
C1' ANP C . 5.58 34.23 2.59
N9 ANP C . 5.76 33.21 1.53
C8 ANP C . 6.92 32.61 1.18
N7 ANP C . 6.73 31.72 0.17
C5 ANP C . 5.42 31.73 -0.15
C6 ANP C . 4.55 31.03 -1.12
N6 ANP C . 5.06 30.12 -1.97
N1 ANP C . 3.23 31.34 -1.12
C2 ANP C . 2.71 32.24 -0.27
N3 ANP C . 3.45 32.92 0.64
C4 ANP C . 4.79 32.71 0.76
MG MG D . 15.37 33.35 2.91
PG ANP E . 9.39 13.98 33.58
O1G ANP E . 8.56 12.75 33.70
O2G ANP E . 8.74 15.14 34.43
O3G ANP E . 9.48 14.43 32.06
PB ANP E . 11.56 12.27 33.52
O1B ANP E . 10.79 11.89 32.29
O2B ANP E . 13.06 12.47 33.14
N3B ANP E . 10.96 13.69 34.16
PA ANP E . 10.77 9.76 34.14
O1A ANP E . 10.38 8.98 35.35
O2A ANP E . 9.61 10.13 33.22
O3A ANP E . 11.45 11.12 34.57
O5' ANP E . 11.89 8.96 33.38
C5' ANP E . 13.26 8.91 33.85
C4' ANP E . 14.11 8.31 32.77
O4' ANP E . 13.56 7.05 32.38
C3' ANP E . 14.23 9.14 31.49
O3' ANP E . 15.48 9.82 31.44
C2' ANP E . 14.10 8.10 30.35
O2' ANP E . 15.24 8.12 29.50
C1' ANP E . 13.99 6.76 31.07
N9 ANP E . 13.04 5.84 30.47
C8 ANP E . 11.68 6.00 30.39
N7 ANP E . 11.07 5.01 29.79
C5 ANP E . 12.08 4.13 29.45
C6 ANP E . 12.10 2.89 28.79
N6 ANP E . 11.00 2.29 28.33
N1 ANP E . 13.29 2.28 28.61
C2 ANP E . 14.39 2.89 29.07
N3 ANP E . 14.51 4.05 29.71
C4 ANP E . 13.31 4.64 29.86
MG MG F . 6.66 11.97 34.20
#